data_5RAW
#
_entry.id   5RAW
#
_cell.length_a   57.740
_cell.length_b   93.810
_cell.length_c   93.340
_cell.angle_alpha   90.000
_cell.angle_beta   107.830
_cell.angle_gamma   90.000
#
_symmetry.space_group_name_H-M   'P 1 21 1'
#
loop_
_entity.id
_entity.type
_entity.pdbx_description
1 polymer 'Lysine-specific demethylase 3B'
2 non-polymer 1-{4-[(2-methoxyethyl)amino]piperidin-1-yl}ethan-1-one
3 non-polymer 'CHLORIDE ION'
4 non-polymer 'MANGANESE (II) ION'
5 water water
#
_entity_poly.entity_id   1
_entity_poly.type   'polypeptide(L)'
_entity_poly.pdbx_seq_one_letter_code
;MHHHHHHSSGVDLGTENLYFQSMTSHSWLCDGRLLCLHDPSNKNNWKIFRECWKQGQPVLVSGVHKKLKSELWKPEAFSQ
EFGDQDVDLVNCRNCAIISDVKVRDFWDGFEIICKRLRSEDGQPMVLKLKDWPPGEDFRDMMPTRFEDLMENLPLPEYTK
RDGRLNLASRLPSYFVRPDLGPKMYNAYGLITAEDRRVGTTNLHLDVSDAVNVMVYVGIPIGEGAHDEEVLKTIDEGDAD
EVTKERIHDHKEKPGALWHIYAAKDAEKIRELLRKVGEEQGQENPPDHDPIHDQSWYLDQTLRKRLYEEYGVQGWAIVQF
LGDAVFIPAGAPHQVHNLYSCIKVAEDFVSPEHVKHCFRLTQEFRHLSNTHT
;
_entity_poly.pdbx_strand_id   A,B
#
# COMPACT_ATOMS: atom_id res chain seq x y z
N SER A 22 -45.28 -22.96 8.04
CA SER A 22 -45.66 -21.53 8.25
C SER A 22 -44.46 -20.61 7.96
N MET A 23 -44.68 -19.62 7.09
N MET A 23 -44.63 -19.61 7.08
CA MET A 23 -43.75 -18.48 6.87
CA MET A 23 -43.56 -18.59 6.78
C MET A 23 -43.48 -17.82 8.23
C MET A 23 -43.44 -17.65 7.99
N THR A 24 -42.21 -17.55 8.52
CA THR A 24 -41.85 -16.81 9.75
C THR A 24 -40.80 -15.75 9.35
N SER A 25 -40.67 -14.77 10.21
CA SER A 25 -39.76 -13.61 10.00
C SER A 25 -38.30 -14.11 10.11
N HIS A 26 -37.97 -15.06 10.98
CA HIS A 26 -36.57 -15.46 11.26
C HIS A 26 -36.53 -16.76 12.05
N SER A 27 -35.33 -17.28 12.22
CA SER A 27 -34.98 -18.46 13.03
C SER A 27 -33.51 -18.31 13.47
N TRP A 28 -33.00 -19.32 14.17
CA TRP A 28 -31.63 -19.26 14.75
C TRP A 28 -30.82 -20.44 14.21
N LEU A 29 -29.52 -20.23 14.00
CA LEU A 29 -28.56 -21.29 13.73
C LEU A 29 -27.47 -21.20 14.79
N CYS A 30 -26.43 -22.05 14.70
CA CYS A 30 -25.29 -22.03 15.65
C CYS A 30 -25.82 -22.08 17.11
N ASP A 31 -26.85 -22.91 17.33
CA ASP A 31 -27.47 -23.13 18.67
C ASP A 31 -27.97 -21.83 19.32
N GLY A 32 -28.56 -20.90 18.57
CA GLY A 32 -29.06 -19.57 19.04
C GLY A 32 -28.11 -18.41 18.88
N ARG A 33 -26.85 -18.68 18.45
CA ARG A 33 -25.82 -17.62 18.37
C ARG A 33 -25.85 -16.87 17.00
N LEU A 34 -26.59 -17.37 16.01
CA LEU A 34 -26.62 -16.73 14.63
C LEU A 34 -28.08 -16.43 14.23
N LEU A 35 -28.41 -15.17 14.01
CA LEU A 35 -29.70 -14.76 13.42
C LEU A 35 -29.79 -15.20 11.95
N CYS A 36 -30.88 -15.86 11.56
N CYS A 36 -30.92 -15.78 11.56
CA CYS A 36 -31.24 -16.17 10.15
CA CYS A 36 -31.28 -16.13 10.17
C CYS A 36 -32.57 -15.47 9.76
C CYS A 36 -32.59 -15.46 9.77
N LEU A 37 -32.48 -14.39 8.98
CA LEU A 37 -33.68 -13.68 8.46
C LEU A 37 -34.22 -14.42 7.24
N HIS A 38 -35.55 -14.54 7.10
CA HIS A 38 -36.14 -15.41 6.03
C HIS A 38 -36.60 -14.64 4.78
N ASP A 39 -36.93 -13.39 4.89
CA ASP A 39 -37.50 -12.55 3.81
C ASP A 39 -36.51 -11.44 3.52
N PRO A 40 -35.73 -11.53 2.40
CA PRO A 40 -34.70 -10.53 2.13
C PRO A 40 -35.19 -9.08 1.95
N SER A 41 -36.47 -8.86 1.62
CA SER A 41 -36.98 -7.53 1.26
C SER A 41 -37.97 -7.04 2.33
N ASN A 42 -38.07 -7.73 3.49
CA ASN A 42 -38.99 -7.29 4.58
C ASN A 42 -38.51 -5.95 5.16
N LYS A 43 -39.34 -4.91 5.06
CA LYS A 43 -39.05 -3.52 5.52
C LYS A 43 -38.80 -3.45 7.03
N ASN A 44 -39.15 -4.47 7.81
CA ASN A 44 -38.95 -4.49 9.29
C ASN A 44 -37.72 -5.35 9.71
N ASN A 45 -36.90 -5.83 8.78
CA ASN A 45 -35.70 -6.65 9.13
C ASN A 45 -34.75 -5.89 10.09
N TRP A 46 -34.58 -4.59 9.88
CA TRP A 46 -33.63 -3.76 10.69
C TRP A 46 -33.90 -3.90 12.19
N LYS A 47 -35.17 -4.05 12.60
CA LYS A 47 -35.52 -4.13 14.04
C LYS A 47 -34.90 -5.36 14.73
N ILE A 48 -34.83 -6.50 14.03
CA ILE A 48 -34.23 -7.78 14.52
C ILE A 48 -32.69 -7.75 14.33
N PHE A 49 -32.25 -7.27 13.18
CA PHE A 49 -30.84 -7.19 12.74
C PHE A 49 -29.99 -6.36 13.68
N ARG A 50 -30.48 -5.17 14.03
N ARG A 50 -30.43 -5.16 14.01
CA ARG A 50 -29.70 -4.07 14.67
CA ARG A 50 -29.52 -4.16 14.62
C ARG A 50 -29.14 -4.54 16.01
C ARG A 50 -29.08 -4.59 16.03
N GLU A 51 -29.93 -5.27 16.80
CA GLU A 51 -29.49 -5.81 18.13
C GLU A 51 -28.30 -6.79 17.99
N CYS A 52 -28.43 -7.75 17.06
CA CYS A 52 -27.37 -8.77 16.90
C CYS A 52 -26.09 -8.10 16.35
N TRP A 53 -26.29 -7.22 15.39
CA TRP A 53 -25.18 -6.53 14.68
C TRP A 53 -24.35 -5.67 15.66
N LYS A 54 -25.05 -4.98 16.57
CA LYS A 54 -24.36 -4.11 17.55
C LYS A 54 -23.45 -4.94 18.44
N GLN A 55 -23.75 -6.24 18.69
CA GLN A 55 -22.98 -7.17 19.54
C GLN A 55 -21.79 -7.77 18.78
N GLY A 56 -21.63 -7.45 17.52
CA GLY A 56 -20.43 -7.90 16.75
C GLY A 56 -20.65 -9.27 16.14
N GLN A 57 -21.90 -9.74 16.07
CA GLN A 57 -22.20 -11.08 15.49
C GLN A 57 -22.36 -10.97 13.97
N PRO A 58 -21.99 -12.03 13.21
CA PRO A 58 -22.44 -12.19 11.83
C PRO A 58 -23.95 -12.46 11.80
N VAL A 59 -24.57 -12.31 10.62
CA VAL A 59 -26.01 -12.53 10.37
C VAL A 59 -26.16 -13.20 9.00
N LEU A 60 -27.13 -14.09 8.86
CA LEU A 60 -27.43 -14.78 7.57
C LEU A 60 -28.81 -14.31 7.11
N VAL A 61 -28.94 -14.01 5.80
CA VAL A 61 -30.28 -13.74 5.21
C VAL A 61 -30.53 -14.72 4.06
N SER A 62 -31.58 -15.55 4.15
CA SER A 62 -31.86 -16.56 3.08
C SER A 62 -32.83 -15.98 2.01
N GLY A 63 -32.79 -16.57 0.78
CA GLY A 63 -33.81 -16.34 -0.25
C GLY A 63 -33.47 -15.31 -1.30
N VAL A 64 -32.26 -14.73 -1.34
CA VAL A 64 -31.91 -13.61 -2.26
C VAL A 64 -31.97 -14.13 -3.72
N HIS A 65 -31.69 -15.42 -3.96
CA HIS A 65 -31.71 -16.00 -5.35
C HIS A 65 -33.11 -15.81 -5.97
N LYS A 66 -34.15 -15.91 -5.17
CA LYS A 66 -35.57 -15.78 -5.64
C LYS A 66 -35.85 -14.34 -6.11
N LYS A 67 -35.02 -13.36 -5.75
CA LYS A 67 -35.19 -11.95 -6.12
C LYS A 67 -34.45 -11.61 -7.42
N LEU A 68 -33.54 -12.47 -7.88
CA LEU A 68 -32.57 -12.14 -8.95
C LEU A 68 -33.07 -12.73 -10.29
N LYS A 69 -32.54 -12.22 -11.39
CA LYS A 69 -32.75 -12.80 -12.76
C LYS A 69 -31.74 -13.94 -12.98
N SER A 70 -32.16 -15.18 -12.78
CA SER A 70 -31.33 -16.42 -12.73
C SER A 70 -30.47 -16.56 -14.01
N GLU A 71 -30.96 -16.08 -15.15
CA GLU A 71 -30.22 -16.18 -16.45
C GLU A 71 -28.94 -15.32 -16.46
N LEU A 72 -28.82 -14.27 -15.64
CA LEU A 72 -27.65 -13.37 -15.56
C LEU A 72 -26.50 -14.03 -14.75
N TRP A 73 -26.75 -15.12 -14.03
CA TRP A 73 -25.76 -15.58 -13.03
C TRP A 73 -25.25 -16.99 -13.39
N LYS A 74 -25.33 -17.40 -14.66
CA LYS A 74 -24.93 -18.78 -15.10
C LYS A 74 -23.48 -18.76 -15.61
N PRO A 75 -22.69 -19.79 -15.31
CA PRO A 75 -21.33 -19.91 -15.82
C PRO A 75 -21.23 -19.87 -17.36
N GLU A 76 -22.16 -20.51 -18.07
CA GLU A 76 -22.11 -20.53 -19.57
C GLU A 76 -22.30 -19.11 -20.15
N ALA A 77 -23.11 -18.23 -19.53
CA ALA A 77 -23.28 -16.83 -19.99
C ALA A 77 -21.97 -16.05 -19.78
N PHE A 78 -21.29 -16.21 -18.64
CA PHE A 78 -20.01 -15.50 -18.38
C PHE A 78 -18.98 -15.95 -19.44
N SER A 79 -18.94 -17.24 -19.77
CA SER A 79 -17.96 -17.75 -20.77
C SER A 79 -18.25 -17.16 -22.16
N GLN A 80 -19.52 -17.17 -22.58
CA GLN A 80 -19.97 -16.65 -23.90
C GLN A 80 -19.65 -15.16 -24.03
N GLU A 81 -20.00 -14.35 -23.02
CA GLU A 81 -19.90 -12.86 -23.11
C GLU A 81 -18.47 -12.37 -22.89
N PHE A 82 -17.65 -13.01 -22.03
CA PHE A 82 -16.37 -12.46 -21.56
C PHE A 82 -15.19 -13.41 -21.79
N GLY A 83 -15.41 -14.54 -22.49
CA GLY A 83 -14.46 -15.67 -22.54
C GLY A 83 -13.08 -15.36 -23.10
N ASP A 84 -12.96 -14.29 -23.93
CA ASP A 84 -11.65 -13.91 -24.57
C ASP A 84 -10.80 -12.97 -23.71
N GLN A 85 -11.24 -12.58 -22.51
CA GLN A 85 -10.38 -11.82 -21.57
C GLN A 85 -9.23 -12.63 -20.99
N ASP A 86 -8.08 -11.98 -20.82
CA ASP A 86 -6.87 -12.59 -20.19
C ASP A 86 -6.93 -12.43 -18.65
N VAL A 87 -6.57 -13.49 -17.94
CA VAL A 87 -6.71 -13.57 -16.44
C VAL A 87 -5.63 -14.47 -15.89
N ASP A 88 -5.41 -14.39 -14.56
CA ASP A 88 -4.62 -15.37 -13.79
C ASP A 88 -5.58 -16.20 -12.92
N LEU A 89 -5.24 -17.48 -12.76
CA LEU A 89 -5.91 -18.43 -11.84
C LEU A 89 -4.98 -18.77 -10.69
N VAL A 90 -5.53 -19.29 -9.61
CA VAL A 90 -4.78 -19.94 -8.50
C VAL A 90 -5.17 -21.41 -8.36
N ASN A 91 -4.16 -22.30 -8.24
CA ASN A 91 -4.34 -23.72 -7.86
C ASN A 91 -4.58 -23.75 -6.34
N CYS A 92 -5.82 -23.98 -5.89
CA CYS A 92 -6.18 -23.93 -4.44
C CYS A 92 -5.33 -24.91 -3.61
N ARG A 93 -4.91 -26.04 -4.19
CA ARG A 93 -4.20 -27.12 -3.44
C ARG A 93 -2.79 -26.70 -3.03
N ASN A 94 -2.07 -25.91 -3.83
CA ASN A 94 -0.63 -25.59 -3.57
C ASN A 94 -0.32 -24.10 -3.75
N CYS A 95 -1.31 -23.24 -3.99
CA CYS A 95 -1.18 -21.78 -4.25
C CYS A 95 -0.35 -21.40 -5.49
N ALA A 96 -0.04 -22.32 -6.40
CA ALA A 96 0.62 -22.00 -7.69
C ALA A 96 -0.27 -21.05 -8.51
N ILE A 97 0.34 -20.06 -9.15
CA ILE A 97 -0.36 -19.10 -10.05
C ILE A 97 -0.27 -19.63 -11.49
N ILE A 98 -1.42 -19.70 -12.16
CA ILE A 98 -1.50 -20.07 -13.59
C ILE A 98 -1.68 -18.75 -14.33
N SER A 99 -0.64 -18.26 -15.03
CA SER A 99 -0.58 -16.87 -15.57
C SER A 99 -1.14 -16.72 -16.99
N ASP A 100 -1.89 -15.67 -17.21
CA ASP A 100 -2.22 -15.12 -18.56
C ASP A 100 -2.89 -16.21 -19.40
N VAL A 101 -3.97 -16.79 -18.88
CA VAL A 101 -4.82 -17.71 -19.67
C VAL A 101 -6.14 -17.00 -19.99
N LYS A 102 -6.99 -17.56 -20.83
CA LYS A 102 -8.31 -16.99 -21.19
C LYS A 102 -9.32 -17.33 -20.11
N VAL A 103 -10.21 -16.40 -19.80
CA VAL A 103 -11.22 -16.68 -18.76
C VAL A 103 -12.16 -17.83 -19.16
N ARG A 104 -12.39 -18.13 -20.45
CA ARG A 104 -13.16 -19.36 -20.81
C ARG A 104 -12.45 -20.62 -20.31
N ASP A 105 -11.12 -20.64 -20.15
CA ASP A 105 -10.41 -21.87 -19.69
C ASP A 105 -10.86 -22.20 -18.25
N PHE A 106 -11.20 -21.16 -17.47
CA PHE A 106 -11.82 -21.37 -16.12
C PHE A 106 -13.30 -21.73 -16.26
N TRP A 107 -14.11 -20.91 -16.92
CA TRP A 107 -15.59 -21.10 -16.95
C TRP A 107 -16.00 -22.45 -17.56
N ASP A 108 -15.37 -22.91 -18.63
CA ASP A 108 -15.81 -24.16 -19.31
C ASP A 108 -15.56 -25.41 -18.47
N GLY A 109 -14.68 -25.37 -17.44
CA GLY A 109 -14.48 -26.46 -16.49
C GLY A 109 -15.25 -26.25 -15.16
N PHE A 110 -16.17 -25.31 -15.06
CA PHE A 110 -16.80 -24.91 -13.75
C PHE A 110 -17.58 -26.11 -13.20
N GLU A 111 -18.35 -26.78 -14.08
CA GLU A 111 -19.21 -27.93 -13.70
C GLU A 111 -18.80 -29.23 -14.40
N ILE A 112 -18.20 -29.13 -15.57
CA ILE A 112 -17.87 -30.33 -16.36
C ILE A 112 -16.42 -30.72 -16.07
N ILE A 113 -16.16 -31.73 -15.26
CA ILE A 113 -14.83 -32.05 -14.74
C ILE A 113 -13.83 -32.45 -15.87
N CYS A 114 -14.29 -33.17 -16.93
CA CYS A 114 -13.53 -33.60 -18.16
C CYS A 114 -13.04 -32.37 -18.94
N LYS A 115 -13.32 -31.13 -18.54
CA LYS A 115 -12.85 -29.93 -19.30
C LYS A 115 -11.85 -29.15 -18.44
N ARG A 116 -11.57 -29.54 -17.19
CA ARG A 116 -10.65 -28.76 -16.34
C ARG A 116 -9.19 -28.91 -16.73
N LEU A 117 -8.43 -27.82 -16.59
CA LEU A 117 -6.96 -27.80 -16.65
C LEU A 117 -6.41 -28.82 -15.66
N ARG A 118 -5.40 -29.61 -16.10
CA ARG A 118 -4.87 -30.74 -15.29
C ARG A 118 -3.50 -30.37 -14.75
N SER A 119 -3.23 -30.78 -13.52
CA SER A 119 -1.89 -30.65 -12.91
C SER A 119 -0.98 -31.74 -13.51
N GLU A 120 0.31 -31.69 -13.19
CA GLU A 120 1.35 -32.64 -13.69
C GLU A 120 0.98 -34.08 -13.34
N ASP A 121 0.41 -34.31 -12.15
CA ASP A 121 -0.04 -35.65 -11.69
C ASP A 121 -1.17 -36.18 -12.58
N GLY A 122 -1.74 -35.32 -13.45
CA GLY A 122 -2.85 -35.67 -14.37
C GLY A 122 -4.25 -35.60 -13.76
N GLN A 123 -4.42 -34.99 -12.57
CA GLN A 123 -5.75 -34.83 -11.92
C GLN A 123 -6.36 -33.52 -12.39
N PRO A 124 -7.70 -33.37 -12.42
CA PRO A 124 -8.24 -32.05 -12.69
C PRO A 124 -7.94 -31.12 -11.48
N MET A 125 -7.51 -29.88 -11.75
CA MET A 125 -7.20 -28.89 -10.68
C MET A 125 -8.46 -28.28 -10.07
N VAL A 126 -8.33 -27.91 -8.76
CA VAL A 126 -9.32 -27.05 -8.06
C VAL A 126 -8.83 -25.63 -8.18
N LEU A 127 -9.49 -24.80 -8.99
CA LEU A 127 -8.98 -23.47 -9.37
C LEU A 127 -9.87 -22.36 -8.80
N LYS A 128 -9.25 -21.23 -8.51
CA LYS A 128 -9.89 -19.94 -8.17
C LYS A 128 -9.56 -18.94 -9.29
N LEU A 129 -10.53 -18.19 -9.76
CA LEU A 129 -10.37 -17.08 -10.72
C LEU A 129 -10.00 -15.81 -9.93
N LYS A 130 -8.80 -15.32 -10.17
CA LYS A 130 -8.23 -14.19 -9.37
C LYS A 130 -8.70 -12.86 -9.94
N ASP A 131 -9.16 -11.93 -9.08
CA ASP A 131 -9.37 -10.47 -9.41
C ASP A 131 -10.14 -10.31 -10.72
N TRP A 132 -11.36 -10.82 -10.80
CA TRP A 132 -12.23 -10.77 -12.02
C TRP A 132 -13.69 -10.59 -11.65
N PRO A 133 -14.38 -9.58 -12.21
CA PRO A 133 -13.77 -8.44 -12.92
C PRO A 133 -12.70 -7.69 -12.12
N PRO A 134 -11.68 -7.11 -12.78
CA PRO A 134 -10.55 -6.54 -12.07
C PRO A 134 -10.87 -5.19 -11.38
N GLY A 135 -10.21 -4.98 -10.23
CA GLY A 135 -10.29 -3.73 -9.44
C GLY A 135 -11.74 -3.35 -9.22
N GLU A 136 -12.11 -2.13 -9.62
CA GLU A 136 -13.46 -1.56 -9.44
C GLU A 136 -14.28 -1.67 -10.73
N ASP A 137 -13.92 -2.56 -11.68
CA ASP A 137 -14.52 -2.54 -13.04
C ASP A 137 -15.83 -3.33 -13.15
N PHE A 138 -16.41 -3.90 -12.07
CA PHE A 138 -17.64 -4.70 -12.20
C PHE A 138 -18.77 -3.90 -12.89
N ARG A 139 -19.04 -2.69 -12.41
CA ARG A 139 -20.16 -1.85 -12.89
C ARG A 139 -20.00 -1.56 -14.39
N ASP A 140 -18.80 -1.15 -14.81
CA ASP A 140 -18.51 -0.81 -16.23
C ASP A 140 -18.68 -2.06 -17.11
N MET A 141 -18.15 -3.20 -16.66
CA MET A 141 -18.10 -4.44 -17.49
C MET A 141 -19.48 -5.10 -17.55
N MET A 142 -20.26 -5.07 -16.44
CA MET A 142 -21.52 -5.83 -16.29
C MET A 142 -22.63 -4.93 -15.73
N PRO A 143 -23.06 -3.88 -16.45
CA PRO A 143 -24.07 -2.95 -15.92
C PRO A 143 -25.40 -3.59 -15.55
N THR A 144 -25.89 -4.61 -16.26
CA THR A 144 -27.17 -5.27 -16.00
C THR A 144 -27.05 -6.13 -14.71
N ARG A 145 -25.92 -6.82 -14.54
CA ARG A 145 -25.64 -7.64 -13.31
C ARG A 145 -25.55 -6.71 -12.10
N PHE A 146 -24.88 -5.58 -12.26
CA PHE A 146 -24.72 -4.56 -11.19
C PHE A 146 -26.12 -4.12 -10.70
N GLU A 147 -26.99 -3.69 -11.62
CA GLU A 147 -28.39 -3.29 -11.29
C GLU A 147 -29.12 -4.40 -10.55
N ASP A 148 -29.08 -5.65 -11.05
CA ASP A 148 -29.84 -6.80 -10.51
C ASP A 148 -29.39 -7.09 -9.06
N LEU A 149 -28.10 -7.00 -8.82
CA LEU A 149 -27.57 -7.27 -7.45
C LEU A 149 -27.95 -6.08 -6.56
N MET A 150 -27.58 -4.85 -6.92
CA MET A 150 -27.64 -3.72 -5.96
C MET A 150 -29.09 -3.43 -5.56
N GLU A 151 -30.07 -3.66 -6.45
CA GLU A 151 -31.51 -3.42 -6.21
C GLU A 151 -32.14 -4.51 -5.32
N ASN A 152 -31.45 -5.61 -5.07
CA ASN A 152 -31.99 -6.79 -4.34
C ASN A 152 -31.15 -7.12 -3.07
N LEU A 153 -30.16 -6.31 -2.74
CA LEU A 153 -29.37 -6.57 -1.47
C LEU A 153 -30.31 -6.39 -0.26
N PRO A 154 -30.21 -7.30 0.73
CA PRO A 154 -30.94 -7.12 2.00
C PRO A 154 -30.36 -5.98 2.85
N LEU A 155 -31.14 -5.47 3.81
CA LEU A 155 -30.76 -4.39 4.76
C LEU A 155 -30.24 -3.19 3.95
N PRO A 156 -31.04 -2.69 2.98
CA PRO A 156 -30.54 -1.68 2.05
C PRO A 156 -30.12 -0.34 2.67
N GLU A 157 -30.60 0.07 3.85
CA GLU A 157 -30.10 1.31 4.49
C GLU A 157 -28.62 1.14 4.88
N TYR A 158 -28.18 -0.07 5.22
CA TYR A 158 -26.77 -0.41 5.49
C TYR A 158 -25.97 -0.67 4.20
N THR A 159 -26.52 -1.39 3.23
CA THR A 159 -25.72 -2.03 2.17
C THR A 159 -25.68 -1.25 0.83
N LYS A 160 -26.62 -0.37 0.56
CA LYS A 160 -26.60 0.41 -0.72
C LYS A 160 -25.55 1.52 -0.63
N ARG A 161 -24.95 1.94 -1.76
CA ARG A 161 -23.78 2.86 -1.74
C ARG A 161 -24.15 4.17 -1.03
N ASP A 162 -25.40 4.58 -1.17
CA ASP A 162 -26.00 5.82 -0.62
C ASP A 162 -26.98 5.54 0.52
N GLY A 163 -27.01 4.33 1.12
CA GLY A 163 -27.94 4.10 2.26
C GLY A 163 -27.66 5.04 3.41
N ARG A 164 -28.71 5.39 4.16
CA ARG A 164 -28.62 6.31 5.33
C ARG A 164 -27.68 5.77 6.42
N LEU A 165 -27.54 4.45 6.59
CA LEU A 165 -26.67 3.87 7.63
C LEU A 165 -25.36 3.35 7.04
N ASN A 166 -25.04 3.74 5.80
CA ASN A 166 -23.71 3.43 5.24
C ASN A 166 -22.89 4.73 5.23
N LEU A 167 -21.88 4.78 6.07
CA LEU A 167 -21.03 5.99 6.24
C LEU A 167 -19.90 6.01 5.19
N ALA A 168 -19.82 5.05 4.27
CA ALA A 168 -18.67 4.96 3.32
C ALA A 168 -18.43 6.29 2.59
N SER A 169 -19.47 6.91 2.08
CA SER A 169 -19.39 8.14 1.24
C SER A 169 -19.30 9.40 2.09
N ARG A 170 -19.31 9.29 3.41
CA ARG A 170 -19.53 10.44 4.33
C ARG A 170 -18.33 10.64 5.23
N LEU A 171 -17.24 9.91 5.07
CA LEU A 171 -16.15 9.98 6.08
C LEU A 171 -14.92 10.69 5.52
N PRO A 172 -14.20 11.44 6.36
CA PRO A 172 -12.96 12.07 5.94
C PRO A 172 -11.82 11.05 5.92
N SER A 173 -10.64 11.53 5.51
CA SER A 173 -9.44 10.71 5.23
C SER A 173 -8.83 10.12 6.49
N TYR A 174 -9.32 10.46 7.67
CA TYR A 174 -8.94 9.86 8.95
C TYR A 174 -9.49 8.41 9.03
N PHE A 175 -10.33 7.99 8.09
CA PHE A 175 -10.94 6.63 8.02
C PHE A 175 -10.53 5.95 6.72
N VAL A 176 -10.18 4.66 6.76
CA VAL A 176 -9.93 3.83 5.55
C VAL A 176 -11.29 3.56 4.93
N ARG A 177 -11.51 4.01 3.70
CA ARG A 177 -12.76 3.86 2.95
C ARG A 177 -12.66 2.65 2.00
N PRO A 178 -13.73 1.86 1.85
CA PRO A 178 -13.72 0.73 0.92
C PRO A 178 -13.68 1.17 -0.55
N ASP A 179 -13.16 0.30 -1.41
CA ASP A 179 -13.17 0.51 -2.88
C ASP A 179 -14.62 0.49 -3.31
N LEU A 180 -14.88 0.98 -4.53
CA LEU A 180 -16.21 0.85 -5.18
C LEU A 180 -16.40 -0.62 -5.59
N GLY A 181 -17.55 -1.19 -5.26
CA GLY A 181 -17.83 -2.63 -5.44
C GLY A 181 -18.90 -2.77 -6.52
N PRO A 182 -19.58 -3.91 -6.64
CA PRO A 182 -19.19 -5.10 -5.87
C PRO A 182 -17.97 -5.85 -6.44
N LYS A 183 -17.56 -6.94 -5.78
CA LYS A 183 -16.44 -7.85 -6.16
C LYS A 183 -17.01 -9.25 -6.33
N MET A 184 -16.63 -9.95 -7.39
CA MET A 184 -17.06 -11.33 -7.69
C MET A 184 -15.97 -12.30 -7.24
N TYR A 185 -16.38 -13.42 -6.62
CA TYR A 185 -15.51 -14.47 -6.08
C TYR A 185 -15.96 -15.81 -6.69
N ASN A 186 -15.13 -16.35 -7.62
CA ASN A 186 -15.44 -17.52 -8.46
C ASN A 186 -14.37 -18.58 -8.22
N ALA A 187 -14.79 -19.78 -7.85
CA ALA A 187 -13.87 -20.89 -7.58
C ALA A 187 -14.60 -22.23 -7.62
N TYR A 188 -13.84 -23.27 -8.02
CA TYR A 188 -14.34 -24.65 -8.02
C TYR A 188 -14.52 -25.15 -6.58
N GLY A 189 -15.22 -26.27 -6.40
CA GLY A 189 -15.32 -26.94 -5.09
C GLY A 189 -14.12 -27.81 -4.76
N LEU A 190 -13.74 -27.86 -3.49
CA LEU A 190 -12.71 -28.80 -2.99
C LEU A 190 -13.36 -30.19 -2.94
N ILE A 191 -12.57 -31.23 -3.22
CA ILE A 191 -13.09 -32.56 -3.64
C ILE A 191 -12.67 -33.67 -2.65
N THR A 192 -11.40 -33.79 -2.35
CA THR A 192 -10.81 -34.99 -1.69
C THR A 192 -10.77 -34.86 -0.16
N ALA A 193 -10.45 -35.97 0.51
CA ALA A 193 -10.20 -35.98 1.98
C ALA A 193 -9.03 -35.05 2.29
N GLU A 194 -7.95 -35.07 1.50
CA GLU A 194 -6.80 -34.15 1.69
C GLU A 194 -7.28 -32.69 1.52
N ASP A 195 -8.18 -32.42 0.59
CA ASP A 195 -8.65 -31.04 0.31
C ASP A 195 -9.38 -30.47 1.56
N ARG A 196 -9.76 -31.29 2.55
CA ARG A 196 -10.60 -30.84 3.70
C ARG A 196 -9.81 -29.79 4.49
N ARG A 197 -8.48 -29.87 4.48
CA ARG A 197 -7.58 -28.95 5.22
C ARG A 197 -7.17 -27.69 4.45
N VAL A 198 -7.67 -27.45 3.22
CA VAL A 198 -7.28 -26.33 2.32
C VAL A 198 -8.39 -25.29 2.36
N GLY A 199 -8.08 -24.00 2.25
CA GLY A 199 -9.10 -22.95 2.06
C GLY A 199 -9.30 -22.59 0.60
N THR A 200 -10.47 -22.11 0.27
CA THR A 200 -10.74 -21.35 -0.98
C THR A 200 -10.21 -19.95 -0.77
N THR A 201 -10.57 -19.33 0.38
CA THR A 201 -10.00 -18.05 0.84
C THR A 201 -9.49 -18.26 2.26
N ASN A 202 -8.20 -18.07 2.48
CA ASN A 202 -7.55 -18.24 3.80
C ASN A 202 -8.06 -17.21 4.83
N LEU A 203 -7.76 -17.51 6.08
CA LEU A 203 -8.11 -16.63 7.24
C LEU A 203 -7.55 -15.22 7.06
N HIS A 204 -8.41 -14.20 7.17
CA HIS A 204 -8.07 -12.78 7.01
C HIS A 204 -9.13 -11.91 7.69
N LEU A 205 -8.90 -10.60 7.74
CA LEU A 205 -9.97 -9.69 8.19
C LEU A 205 -9.99 -8.44 7.29
N ASP A 206 -11.13 -7.75 7.29
CA ASP A 206 -11.41 -6.52 6.49
C ASP A 206 -11.73 -5.41 7.50
N VAL A 207 -11.32 -4.18 7.23
CA VAL A 207 -11.63 -3.06 8.16
C VAL A 207 -13.00 -2.44 7.88
N SER A 208 -13.67 -2.84 6.80
N SER A 208 -13.66 -2.82 6.78
CA SER A 208 -15.08 -2.46 6.48
CA SER A 208 -15.07 -2.47 6.45
C SER A 208 -16.01 -3.67 6.69
C SER A 208 -15.98 -3.66 6.80
N ASP A 209 -17.29 -3.40 6.91
CA ASP A 209 -18.29 -4.47 6.93
C ASP A 209 -18.47 -5.02 5.51
N ALA A 210 -19.02 -6.22 5.36
CA ALA A 210 -19.32 -6.78 4.02
C ALA A 210 -20.56 -7.63 4.02
N VAL A 211 -21.29 -7.65 2.90
CA VAL A 211 -22.38 -8.63 2.61
C VAL A 211 -21.97 -9.47 1.41
N ASN A 212 -21.99 -10.77 1.55
CA ASN A 212 -21.51 -11.76 0.54
C ASN A 212 -22.73 -12.59 0.13
N VAL A 213 -23.12 -12.53 -1.16
CA VAL A 213 -24.32 -13.25 -1.66
C VAL A 213 -23.92 -14.46 -2.55
N MET A 214 -24.45 -15.64 -2.28
CA MET A 214 -24.23 -16.86 -3.12
C MET A 214 -25.26 -16.82 -4.28
N VAL A 215 -24.82 -16.53 -5.52
CA VAL A 215 -25.76 -16.25 -6.65
C VAL A 215 -25.83 -17.52 -7.52
N TYR A 216 -24.90 -18.47 -7.39
CA TYR A 216 -24.93 -19.72 -8.17
C TYR A 216 -24.07 -20.78 -7.51
N VAL A 217 -24.56 -22.02 -7.48
CA VAL A 217 -23.84 -23.21 -7.03
C VAL A 217 -23.92 -24.27 -8.16
N GLY A 218 -22.76 -24.73 -8.58
CA GLY A 218 -22.59 -25.74 -9.63
C GLY A 218 -22.15 -27.04 -9.03
N ILE A 219 -23.02 -28.04 -9.10
CA ILE A 219 -22.72 -29.40 -8.61
C ILE A 219 -22.34 -30.26 -9.81
N PRO A 220 -21.07 -30.66 -9.98
CA PRO A 220 -20.63 -31.35 -11.20
C PRO A 220 -21.27 -32.71 -11.49
N ILE A 221 -20.84 -33.22 -12.66
CA ILE A 221 -21.13 -34.52 -13.35
C ILE A 221 -19.81 -34.97 -14.00
N GLY A 222 -19.58 -36.29 -14.08
CA GLY A 222 -18.34 -36.91 -14.62
C GLY A 222 -17.55 -37.58 -13.51
N GLU A 223 -17.15 -36.81 -12.50
CA GLU A 223 -16.89 -37.30 -11.12
C GLU A 223 -18.00 -36.73 -10.23
N GLY A 224 -19.25 -37.00 -10.64
CA GLY A 224 -20.48 -36.76 -9.87
C GLY A 224 -21.03 -38.06 -9.29
N ALA A 225 -21.43 -38.01 -8.02
CA ALA A 225 -21.47 -39.11 -7.02
C ALA A 225 -20.53 -38.77 -5.85
N HIS A 226 -20.17 -37.47 -5.74
CA HIS A 226 -19.14 -36.88 -4.84
C HIS A 226 -19.81 -36.35 -3.55
N ASP A 227 -21.08 -36.72 -3.34
CA ASP A 227 -21.99 -36.20 -2.29
C ASP A 227 -21.44 -36.53 -0.89
N GLU A 228 -20.70 -37.64 -0.73
CA GLU A 228 -20.42 -38.25 0.61
C GLU A 228 -19.30 -37.50 1.34
N GLU A 229 -18.22 -37.12 0.63
CA GLU A 229 -17.09 -36.35 1.24
C GLU A 229 -17.60 -34.94 1.65
N VAL A 230 -18.56 -34.36 0.93
CA VAL A 230 -19.24 -33.08 1.34
C VAL A 230 -19.93 -33.24 2.73
N LEU A 231 -20.61 -34.35 3.02
CA LEU A 231 -21.28 -34.54 4.36
C LEU A 231 -20.26 -34.59 5.51
N LYS A 232 -19.16 -35.31 5.31
N LYS A 232 -19.16 -35.33 5.31
CA LYS A 232 -18.07 -35.45 6.32
CA LYS A 232 -18.05 -35.45 6.29
C LYS A 232 -17.40 -34.08 6.55
C LYS A 232 -17.41 -34.09 6.54
N THR A 233 -17.31 -33.24 5.52
CA THR A 233 -16.66 -31.91 5.62
C THR A 233 -17.49 -30.96 6.50
N ILE A 234 -18.82 -30.97 6.30
CA ILE A 234 -19.80 -30.16 7.09
C ILE A 234 -19.81 -30.65 8.56
N ASP A 235 -19.83 -31.96 8.74
CA ASP A 235 -19.84 -32.57 10.10
C ASP A 235 -18.56 -32.21 10.89
N GLU A 236 -17.40 -32.50 10.33
CA GLU A 236 -16.06 -32.19 10.90
C GLU A 236 -15.85 -30.65 11.00
N GLY A 237 -16.51 -29.90 10.12
CA GLY A 237 -16.51 -28.41 10.15
C GLY A 237 -17.23 -27.85 11.35
N ASP A 238 -17.96 -28.69 12.13
CA ASP A 238 -18.62 -28.31 13.42
C ASP A 238 -19.99 -27.65 13.18
N ALA A 239 -20.62 -27.90 12.04
CA ALA A 239 -21.94 -27.34 11.67
C ALA A 239 -23.00 -27.85 12.66
N ASP A 240 -23.98 -27.00 12.99
CA ASP A 240 -25.01 -27.32 14.01
C ASP A 240 -26.04 -28.28 13.40
N GLU A 241 -26.88 -28.85 14.28
CA GLU A 241 -27.86 -29.90 13.88
C GLU A 241 -28.92 -29.30 12.98
N VAL A 242 -29.36 -28.06 13.20
CA VAL A 242 -30.38 -27.43 12.31
C VAL A 242 -29.81 -27.22 10.89
N THR A 243 -28.53 -26.84 10.77
CA THR A 243 -27.84 -26.68 9.47
C THR A 243 -27.79 -28.06 8.76
N LYS A 244 -27.41 -29.07 9.55
CA LYS A 244 -27.30 -30.51 9.18
C LYS A 244 -28.66 -31.02 8.69
N GLU A 245 -29.73 -30.74 9.44
CA GLU A 245 -31.12 -31.01 9.00
C GLU A 245 -31.30 -30.35 7.62
N ARG A 246 -30.94 -29.05 7.49
CA ARG A 246 -31.06 -28.29 6.21
C ARG A 246 -30.29 -29.01 5.09
N ILE A 247 -29.12 -29.60 5.41
CA ILE A 247 -28.28 -30.39 4.46
C ILE A 247 -29.00 -31.71 4.10
N HIS A 248 -29.47 -32.45 5.11
CA HIS A 248 -29.76 -33.92 5.01
C HIS A 248 -31.09 -34.21 4.31
N ASP A 249 -32.04 -33.26 4.26
CA ASP A 249 -33.36 -33.47 3.61
C ASP A 249 -33.40 -32.81 2.22
N HIS A 250 -32.24 -32.57 1.60
CA HIS A 250 -32.11 -31.97 0.24
C HIS A 250 -32.90 -30.65 0.21
N LYS A 251 -33.44 -30.27 -0.96
CA LYS A 251 -34.25 -29.03 -1.18
C LYS A 251 -33.32 -27.89 -1.62
N GLU A 252 -32.32 -27.53 -0.81
CA GLU A 252 -31.41 -26.38 -1.05
C GLU A 252 -29.98 -26.88 -1.34
N LYS A 253 -29.24 -26.17 -2.18
CA LYS A 253 -27.85 -26.53 -2.62
C LYS A 253 -26.82 -25.85 -1.72
N PRO A 254 -25.92 -26.60 -1.02
CA PRO A 254 -24.89 -25.98 -0.19
C PRO A 254 -23.71 -25.54 -1.05
N GLY A 255 -23.25 -24.32 -0.87
CA GLY A 255 -22.12 -23.78 -1.62
C GLY A 255 -20.80 -23.87 -0.89
N ALA A 256 -20.70 -23.22 0.31
CA ALA A 256 -19.41 -22.99 0.97
C ALA A 256 -19.54 -23.06 2.50
N LEU A 257 -18.50 -23.59 3.12
CA LEU A 257 -18.39 -23.63 4.62
C LEU A 257 -17.53 -22.44 5.04
N TRP A 258 -18.05 -21.58 5.93
CA TRP A 258 -17.33 -20.41 6.50
C TRP A 258 -16.97 -20.72 7.97
N HIS A 259 -15.87 -20.19 8.47
CA HIS A 259 -15.66 -20.00 9.94
C HIS A 259 -15.43 -18.52 10.14
N ILE A 260 -16.21 -17.91 11.05
CA ILE A 260 -16.08 -16.48 11.38
C ILE A 260 -15.78 -16.40 12.89
N TYR A 261 -14.92 -15.47 13.25
CA TYR A 261 -14.52 -15.21 14.67
C TYR A 261 -14.83 -13.76 15.01
N ALA A 262 -15.20 -13.50 16.30
CA ALA A 262 -15.44 -12.11 16.75
C ALA A 262 -14.18 -11.27 16.62
N ALA A 263 -14.34 -9.99 16.28
CA ALA A 263 -13.21 -9.06 16.16
C ALA A 263 -12.40 -9.03 17.47
N LYS A 264 -13.07 -9.17 18.62
CA LYS A 264 -12.40 -9.08 19.93
C LYS A 264 -11.43 -10.25 20.13
N ASP A 265 -11.54 -11.33 19.35
CA ASP A 265 -10.68 -12.54 19.50
C ASP A 265 -9.49 -12.53 18.53
N ALA A 266 -9.34 -11.48 17.70
CA ALA A 266 -8.29 -11.46 16.62
C ALA A 266 -6.89 -11.62 17.22
N GLU A 267 -6.55 -10.95 18.32
CA GLU A 267 -5.17 -11.09 18.88
C GLU A 267 -4.91 -12.52 19.42
N LYS A 268 -5.86 -13.14 20.12
CA LYS A 268 -5.71 -14.53 20.58
C LYS A 268 -5.45 -15.46 19.39
N ILE A 269 -6.12 -15.23 18.26
CA ILE A 269 -5.86 -16.05 17.05
C ILE A 269 -4.42 -15.77 16.57
N ARG A 270 -3.97 -14.52 16.55
CA ARG A 270 -2.54 -14.23 16.18
C ARG A 270 -1.56 -15.00 17.11
N GLU A 271 -1.82 -15.04 18.41
CA GLU A 271 -0.95 -15.78 19.36
C GLU A 271 -0.89 -17.25 18.97
N LEU A 272 -2.02 -17.92 18.70
CA LEU A 272 -2.03 -19.35 18.30
C LEU A 272 -1.18 -19.52 17.04
N LEU A 273 -1.39 -18.67 16.03
CA LEU A 273 -0.73 -18.89 14.71
C LEU A 273 0.77 -18.57 14.82
N ARG A 274 1.20 -17.66 15.70
CA ARG A 274 2.66 -17.49 15.95
C ARG A 274 3.26 -18.75 16.61
N LYS A 275 2.61 -19.35 17.59
CA LYS A 275 3.05 -20.60 18.26
C LYS A 275 3.13 -21.73 17.21
N VAL A 276 2.10 -21.88 16.40
CA VAL A 276 2.13 -22.95 15.34
C VAL A 276 3.21 -22.66 14.30
N GLY A 277 3.38 -21.43 13.79
CA GLY A 277 4.43 -21.08 12.83
C GLY A 277 5.81 -21.46 13.38
N GLU A 278 6.03 -21.26 14.68
CA GLU A 278 7.31 -21.58 15.35
C GLU A 278 7.44 -23.11 15.44
N GLU A 279 6.42 -23.82 15.90
CA GLU A 279 6.41 -25.30 15.98
C GLU A 279 6.77 -25.90 14.61
N GLN A 280 6.29 -25.31 13.51
CA GLN A 280 6.49 -25.83 12.13
C GLN A 280 7.80 -25.28 11.54
N GLY A 281 8.65 -24.67 12.36
CA GLY A 281 9.98 -24.21 11.92
C GLY A 281 9.94 -22.99 11.03
N GLN A 282 8.83 -22.25 10.90
CA GLN A 282 8.87 -20.90 10.30
C GLN A 282 9.76 -20.02 11.19
N GLU A 283 10.42 -19.01 10.65
CA GLU A 283 11.29 -18.12 11.47
C GLU A 283 10.75 -16.70 11.28
N ASN A 284 9.87 -16.28 12.19
CA ASN A 284 9.07 -15.04 12.09
C ASN A 284 9.41 -14.14 13.26
N PRO A 285 9.50 -12.80 13.09
CA PRO A 285 9.65 -11.86 14.21
C PRO A 285 8.46 -11.93 15.16
N PRO A 286 8.65 -11.65 16.48
CA PRO A 286 7.63 -11.91 17.51
C PRO A 286 6.31 -11.15 17.31
N ASP A 287 6.33 -10.13 16.45
CA ASP A 287 5.23 -9.14 16.24
C ASP A 287 4.54 -9.35 14.89
N HIS A 288 5.03 -10.23 14.00
CA HIS A 288 4.47 -10.31 12.61
C HIS A 288 3.00 -10.72 12.71
N ASP A 289 2.23 -10.43 11.66
CA ASP A 289 0.75 -10.56 11.72
C ASP A 289 0.31 -11.72 10.82
N PRO A 290 0.09 -12.93 11.37
CA PRO A 290 -0.34 -14.11 10.60
C PRO A 290 -1.74 -13.98 10.01
N ILE A 291 -2.60 -13.09 10.53
CA ILE A 291 -3.93 -12.86 9.92
C ILE A 291 -3.75 -11.96 8.67
N HIS A 292 -3.00 -10.87 8.76
CA HIS A 292 -2.77 -9.98 7.59
C HIS A 292 -2.05 -10.72 6.46
N ASP A 293 -1.18 -11.66 6.79
CA ASP A 293 -0.44 -12.52 5.81
C ASP A 293 -1.34 -13.40 4.93
N GLN A 294 -2.54 -13.79 5.43
CA GLN A 294 -3.57 -14.50 4.62
C GLN A 294 -2.97 -15.84 4.15
N SER A 295 -2.16 -16.46 5.00
CA SER A 295 -1.39 -17.68 4.68
C SER A 295 -1.97 -18.91 5.40
N TRP A 296 -2.91 -18.76 6.35
CA TRP A 296 -3.38 -19.88 7.19
C TRP A 296 -4.85 -20.27 6.87
N TYR A 297 -5.14 -21.57 6.91
CA TYR A 297 -6.53 -22.12 6.98
C TYR A 297 -6.62 -22.92 8.28
N LEU A 298 -7.56 -22.58 9.15
CA LEU A 298 -7.79 -23.32 10.42
C LEU A 298 -8.55 -24.61 10.10
N ASP A 299 -7.85 -25.76 10.09
CA ASP A 299 -8.46 -27.09 9.92
C ASP A 299 -9.06 -27.58 11.26
N GLN A 300 -9.62 -28.78 11.31
CA GLN A 300 -10.29 -29.28 12.52
C GLN A 300 -9.32 -29.27 13.71
N THR A 301 -8.06 -29.68 13.50
CA THR A 301 -7.01 -29.71 14.55
C THR A 301 -6.81 -28.29 15.11
N LEU A 302 -6.59 -27.33 14.22
CA LEU A 302 -6.30 -25.93 14.66
C LEU A 302 -7.55 -25.32 15.34
N ARG A 303 -8.78 -25.62 14.87
CA ARG A 303 -9.99 -25.00 15.45
C ARG A 303 -10.13 -25.53 16.88
N LYS A 304 -9.86 -26.81 17.07
CA LYS A 304 -9.98 -27.43 18.43
C LYS A 304 -8.91 -26.80 19.36
N ARG A 305 -7.68 -26.62 18.91
CA ARG A 305 -6.57 -26.04 19.68
C ARG A 305 -6.94 -24.60 20.09
N LEU A 306 -7.59 -23.88 19.18
CA LEU A 306 -8.03 -22.47 19.44
C LEU A 306 -9.01 -22.46 20.61
N TYR A 307 -9.98 -23.37 20.58
CA TYR A 307 -11.02 -23.48 21.64
C TYR A 307 -10.32 -23.92 22.95
N GLU A 308 -9.58 -25.03 22.93
CA GLU A 308 -9.09 -25.71 24.19
C GLU A 308 -8.01 -24.81 24.84
N GLU A 309 -7.08 -24.26 24.08
CA GLU A 309 -5.82 -23.60 24.55
C GLU A 309 -6.02 -22.08 24.78
N TYR A 310 -6.94 -21.45 24.04
CA TYR A 310 -7.13 -19.97 24.10
C TYR A 310 -8.56 -19.60 24.49
N GLY A 311 -9.48 -20.55 24.59
CA GLY A 311 -10.86 -20.23 24.99
C GLY A 311 -11.71 -19.50 23.96
N VAL A 312 -11.37 -19.67 22.66
CA VAL A 312 -12.03 -18.91 21.56
C VAL A 312 -12.97 -19.85 20.77
N GLN A 313 -14.24 -19.46 20.70
CA GLN A 313 -15.30 -20.15 19.90
C GLN A 313 -15.59 -19.27 18.68
N GLY A 314 -15.91 -19.89 17.56
CA GLY A 314 -16.37 -19.13 16.38
C GLY A 314 -17.74 -19.57 15.92
N TRP A 315 -18.13 -19.15 14.72
CA TRP A 315 -19.39 -19.49 14.07
C TRP A 315 -19.05 -20.32 12.82
N ALA A 316 -19.55 -21.54 12.74
CA ALA A 316 -19.46 -22.39 11.54
C ALA A 316 -20.74 -22.24 10.73
N ILE A 317 -20.63 -21.68 9.50
CA ILE A 317 -21.80 -21.27 8.70
C ILE A 317 -21.73 -21.99 7.34
N VAL A 318 -22.79 -22.69 6.98
CA VAL A 318 -22.95 -23.21 5.58
C VAL A 318 -23.82 -22.22 4.81
N GLN A 319 -23.19 -21.65 3.77
CA GLN A 319 -23.82 -20.67 2.86
C GLN A 319 -24.44 -21.46 1.67
N PHE A 320 -25.76 -21.53 1.62
CA PHE A 320 -26.52 -22.19 0.53
C PHE A 320 -26.76 -21.20 -0.59
N LEU A 321 -27.19 -21.70 -1.77
CA LEU A 321 -27.68 -20.82 -2.86
C LEU A 321 -28.68 -19.80 -2.32
N GLY A 322 -28.43 -18.53 -2.61
CA GLY A 322 -29.27 -17.38 -2.23
C GLY A 322 -29.06 -16.93 -0.78
N ASP A 323 -28.11 -17.48 -0.06
CA ASP A 323 -27.78 -16.94 1.29
C ASP A 323 -26.86 -15.72 1.18
N ALA A 324 -27.15 -14.68 1.98
CA ALA A 324 -26.32 -13.47 2.14
C ALA A 324 -25.64 -13.55 3.52
N VAL A 325 -24.34 -13.66 3.57
CA VAL A 325 -23.57 -13.66 4.86
C VAL A 325 -23.15 -12.20 5.12
N PHE A 326 -23.48 -11.64 6.30
CA PHE A 326 -23.05 -10.32 6.78
C PHE A 326 -21.81 -10.55 7.69
N ILE A 327 -20.66 -9.96 7.32
CA ILE A 327 -19.37 -10.18 8.05
C ILE A 327 -18.99 -8.85 8.74
N PRO A 328 -18.95 -8.78 10.08
CA PRO A 328 -18.64 -7.54 10.77
C PRO A 328 -17.17 -7.10 10.56
N ALA A 329 -16.96 -5.80 10.42
CA ALA A 329 -15.59 -5.24 10.34
C ALA A 329 -14.72 -5.77 11.47
N GLY A 330 -13.46 -6.12 11.15
CA GLY A 330 -12.51 -6.64 12.14
C GLY A 330 -12.61 -8.13 12.44
N ALA A 331 -13.66 -8.82 11.98
CA ALA A 331 -13.89 -10.24 12.28
C ALA A 331 -13.03 -11.14 11.40
N PRO A 332 -12.07 -11.92 11.94
CA PRO A 332 -11.30 -12.89 11.15
C PRO A 332 -12.24 -13.94 10.52
N HIS A 333 -12.04 -14.32 9.25
CA HIS A 333 -12.95 -15.30 8.58
C HIS A 333 -12.20 -16.00 7.44
N GLN A 334 -12.65 -17.23 7.18
CA GLN A 334 -12.11 -18.14 6.13
C GLN A 334 -13.28 -18.81 5.43
N VAL A 335 -13.04 -19.25 4.16
CA VAL A 335 -14.09 -19.81 3.27
C VAL A 335 -13.55 -21.08 2.58
N HIS A 336 -14.35 -22.16 2.59
CA HIS A 336 -13.99 -23.48 2.00
C HIS A 336 -15.16 -23.88 1.08
N ASN A 337 -14.98 -23.86 -0.25
CA ASN A 337 -16.08 -24.19 -1.17
C ASN A 337 -16.32 -25.71 -1.18
N LEU A 338 -17.57 -26.08 -1.02
CA LEU A 338 -18.04 -27.49 -1.01
C LEU A 338 -18.27 -27.91 -2.47
N TYR A 339 -18.91 -27.05 -3.23
CA TYR A 339 -19.14 -27.19 -4.69
C TYR A 339 -18.63 -25.93 -5.41
N SER A 340 -18.69 -25.88 -6.76
CA SER A 340 -18.29 -24.66 -7.49
C SER A 340 -19.25 -23.49 -7.21
N CYS A 341 -18.70 -22.33 -6.87
CA CYS A 341 -19.46 -21.17 -6.36
C CYS A 341 -19.19 -19.90 -7.15
N ILE A 342 -20.26 -19.14 -7.38
CA ILE A 342 -20.23 -17.72 -7.78
C ILE A 342 -20.80 -16.89 -6.61
N LYS A 343 -19.95 -16.08 -5.98
CA LYS A 343 -20.34 -15.17 -4.89
C LYS A 343 -20.16 -13.73 -5.38
N VAL A 344 -21.01 -12.80 -4.91
CA VAL A 344 -20.83 -11.37 -5.17
C VAL A 344 -20.94 -10.63 -3.82
N ALA A 345 -19.95 -9.81 -3.50
CA ALA A 345 -19.87 -9.13 -2.17
C ALA A 345 -19.84 -7.62 -2.36
N GLU A 346 -20.43 -6.88 -1.42
CA GLU A 346 -20.38 -5.39 -1.38
C GLU A 346 -19.84 -4.98 -0.01
N ASP A 347 -18.87 -4.07 0.06
CA ASP A 347 -18.40 -3.53 1.34
C ASP A 347 -19.28 -2.33 1.76
N PHE A 348 -19.38 -2.05 3.06
CA PHE A 348 -20.12 -0.89 3.62
C PHE A 348 -19.50 -0.54 4.96
N VAL A 349 -19.85 0.65 5.50
CA VAL A 349 -19.36 1.14 6.80
C VAL A 349 -20.55 1.48 7.68
N SER A 350 -20.97 0.54 8.51
CA SER A 350 -22.06 0.80 9.49
C SER A 350 -21.57 1.66 10.64
N PRO A 351 -22.46 2.46 11.24
CA PRO A 351 -22.05 3.23 12.41
C PRO A 351 -21.61 2.37 13.58
N GLU A 352 -22.22 1.16 13.73
CA GLU A 352 -21.92 0.21 14.82
C GLU A 352 -20.42 -0.14 14.82
N HIS A 353 -19.77 -0.17 13.65
CA HIS A 353 -18.39 -0.74 13.53
C HIS A 353 -17.37 0.25 12.93
N VAL A 354 -17.72 1.51 12.79
CA VAL A 354 -16.81 2.52 12.19
C VAL A 354 -15.47 2.60 12.96
N LYS A 355 -15.39 2.32 14.26
CA LYS A 355 -14.09 2.32 14.99
C LYS A 355 -13.04 1.48 14.28
N HIS A 356 -13.41 0.40 13.58
CA HIS A 356 -12.42 -0.55 13.01
C HIS A 356 -11.65 0.08 11.84
N CYS A 357 -12.13 1.16 11.19
CA CYS A 357 -11.39 1.77 10.04
C CYS A 357 -10.76 3.13 10.41
N PHE A 358 -10.79 3.54 11.68
CA PHE A 358 -10.18 4.84 12.09
C PHE A 358 -8.64 4.70 12.09
N ARG A 359 -7.93 5.70 11.57
CA ARG A 359 -6.45 5.61 11.40
C ARG A 359 -5.68 6.08 12.65
N LEU A 360 -6.31 6.48 13.75
CA LEU A 360 -5.54 6.84 14.98
C LEU A 360 -5.90 5.96 16.18
N THR A 361 -5.10 6.06 17.24
CA THR A 361 -5.26 5.46 18.60
C THR A 361 -5.49 3.95 18.47
N MET B 23 44.43 27.06 2.10
CA MET B 23 44.24 26.86 3.55
C MET B 23 42.74 26.79 3.89
N THR B 24 41.86 27.01 2.90
CA THR B 24 40.39 26.74 3.02
C THR B 24 40.20 25.35 3.61
N SER B 25 39.52 25.24 4.76
CA SER B 25 39.18 23.95 5.43
C SER B 25 38.31 23.09 4.51
N HIS B 26 38.80 21.91 4.17
CA HIS B 26 38.11 20.95 3.31
C HIS B 26 38.62 19.53 3.52
N SER B 27 37.87 18.56 3.00
CA SER B 27 38.27 17.13 2.90
C SER B 27 37.55 16.51 1.70
N TRP B 28 37.87 15.27 1.41
CA TRP B 28 37.39 14.54 0.23
C TRP B 28 36.71 13.27 0.74
N LEU B 29 35.43 13.08 0.42
CA LEU B 29 34.70 11.83 0.79
C LEU B 29 34.41 11.01 -0.47
N CYS B 30 33.65 9.91 -0.35
CA CYS B 30 33.32 9.05 -1.51
C CYS B 30 34.67 8.63 -2.16
N ASP B 31 35.63 8.18 -1.33
CA ASP B 31 36.96 7.67 -1.78
C ASP B 31 37.68 8.73 -2.63
N GLY B 32 37.73 9.99 -2.19
CA GLY B 32 38.44 11.09 -2.87
C GLY B 32 37.64 11.90 -3.90
N ARG B 33 36.39 11.54 -4.25
CA ARG B 33 35.62 12.07 -5.41
C ARG B 33 34.57 13.14 -5.00
N LEU B 34 34.35 13.37 -3.70
CA LEU B 34 33.35 14.40 -3.23
C LEU B 34 34.06 15.48 -2.41
N LEU B 35 34.06 16.76 -2.88
CA LEU B 35 34.54 17.88 -2.07
C LEU B 35 33.60 18.13 -0.90
N CYS B 36 34.15 18.27 0.30
CA CYS B 36 33.39 18.68 1.50
C CYS B 36 34.08 19.91 2.06
N LEU B 37 33.42 21.07 2.00
CA LEU B 37 33.90 22.35 2.56
C LEU B 37 33.36 22.48 3.98
N HIS B 38 34.18 22.84 4.97
CA HIS B 38 33.79 22.74 6.41
C HIS B 38 33.47 24.11 7.06
N ASP B 39 33.81 25.24 6.46
CA ASP B 39 33.41 26.57 7.00
C ASP B 39 32.42 27.21 6.03
N PRO B 40 31.10 27.23 6.36
CA PRO B 40 30.09 27.74 5.41
C PRO B 40 30.25 29.21 5.00
N SER B 41 30.89 30.05 5.83
CA SER B 41 31.05 31.50 5.61
C SER B 41 32.46 31.85 5.09
N ASN B 42 33.33 30.89 4.77
CA ASN B 42 34.68 31.26 4.22
C ASN B 42 34.53 31.87 2.81
N LYS B 43 34.96 33.11 2.60
CA LYS B 43 34.81 33.85 1.33
C LYS B 43 35.68 33.25 0.21
N ASN B 44 36.63 32.35 0.51
CA ASN B 44 37.45 31.62 -0.50
C ASN B 44 36.85 30.24 -0.88
N ASN B 45 35.64 29.87 -0.42
CA ASN B 45 35.06 28.52 -0.70
C ASN B 45 35.00 28.28 -2.22
N TRP B 46 34.78 29.32 -3.03
CA TRP B 46 34.60 29.24 -4.49
C TRP B 46 35.85 28.62 -5.18
N LYS B 47 37.02 28.78 -4.60
CA LYS B 47 38.30 28.45 -5.29
C LYS B 47 38.41 26.97 -5.67
N ILE B 48 38.19 26.07 -4.71
CA ILE B 48 38.23 24.59 -4.97
C ILE B 48 36.88 24.06 -5.52
N PHE B 49 35.78 24.72 -5.15
CA PHE B 49 34.43 24.42 -5.69
C PHE B 49 34.37 24.48 -7.22
N ARG B 50 35.00 25.51 -7.84
CA ARG B 50 34.88 25.81 -9.31
C ARG B 50 35.16 24.59 -10.18
N GLU B 51 36.30 23.88 -10.00
CA GLU B 51 36.66 22.76 -10.91
C GLU B 51 35.73 21.57 -10.66
N CYS B 52 35.35 21.30 -9.39
CA CYS B 52 34.42 20.18 -9.10
C CYS B 52 33.08 20.44 -9.83
N TRP B 53 32.60 21.67 -9.75
CA TRP B 53 31.31 22.09 -10.38
C TRP B 53 31.42 22.08 -11.89
N LYS B 54 32.57 22.52 -12.45
CA LYS B 54 32.78 22.43 -13.92
C LYS B 54 32.74 20.98 -14.41
N GLN B 55 33.28 20.03 -13.66
CA GLN B 55 33.32 18.59 -14.02
C GLN B 55 31.96 17.92 -13.76
N GLY B 56 30.97 18.67 -13.29
CA GLY B 56 29.59 18.16 -13.11
C GLY B 56 29.39 17.34 -11.82
N GLN B 57 30.24 17.57 -10.81
CA GLN B 57 30.17 16.82 -9.51
C GLN B 57 29.28 17.57 -8.54
N PRO B 58 28.53 16.86 -7.67
CA PRO B 58 27.97 17.49 -6.49
C PRO B 58 29.09 17.89 -5.51
N VAL B 59 28.77 18.78 -4.61
CA VAL B 59 29.65 19.29 -3.53
C VAL B 59 28.83 19.34 -2.25
N LEU B 60 29.49 19.16 -1.10
CA LEU B 60 28.85 19.28 0.24
C LEU B 60 29.52 20.38 1.05
N VAL B 61 28.73 21.18 1.76
CA VAL B 61 29.23 22.21 2.68
C VAL B 61 28.60 21.94 4.04
N SER B 62 29.41 21.71 5.08
CA SER B 62 28.92 21.33 6.42
C SER B 62 28.80 22.57 7.30
N GLY B 63 28.08 22.47 8.42
CA GLY B 63 28.05 23.51 9.47
C GLY B 63 27.00 24.60 9.32
N VAL B 64 26.06 24.53 8.35
CA VAL B 64 25.05 25.62 8.12
C VAL B 64 24.14 25.75 9.36
N HIS B 65 23.87 24.67 10.08
CA HIS B 65 22.96 24.63 11.27
C HIS B 65 23.47 25.56 12.36
N LYS B 66 24.80 25.69 12.43
CA LYS B 66 25.46 26.58 13.42
C LYS B 66 25.21 28.05 13.10
N LYS B 67 24.84 28.40 11.88
CA LYS B 67 24.60 29.79 11.43
C LYS B 67 23.12 30.19 11.61
N LEU B 68 22.21 29.23 11.79
CA LEU B 68 20.73 29.45 11.83
C LEU B 68 20.29 29.70 13.28
N LYS B 69 19.08 30.23 13.46
CA LYS B 69 18.33 30.28 14.76
C LYS B 69 17.59 28.95 14.97
N SER B 70 18.16 28.06 15.78
CA SER B 70 17.69 26.64 15.90
C SER B 70 16.22 26.56 16.35
N GLU B 71 15.72 27.52 17.14
CA GLU B 71 14.32 27.51 17.65
C GLU B 71 13.31 27.73 16.49
N LEU B 72 13.71 28.32 15.35
CA LEU B 72 12.82 28.51 14.18
C LEU B 72 12.62 27.19 13.42
N TRP B 73 13.44 26.15 13.60
CA TRP B 73 13.46 24.97 12.70
C TRP B 73 13.00 23.71 13.45
N LYS B 74 12.17 23.83 14.49
CA LYS B 74 11.78 22.68 15.34
C LYS B 74 10.38 22.22 14.95
N PRO B 75 10.12 20.89 14.89
CA PRO B 75 8.77 20.38 14.57
C PRO B 75 7.66 20.97 15.45
N GLU B 76 7.91 21.15 16.77
CA GLU B 76 6.91 21.66 17.75
C GLU B 76 6.52 23.10 17.38
N ALA B 77 7.45 23.93 16.89
CA ALA B 77 7.15 25.32 16.48
C ALA B 77 6.28 25.33 15.22
N PHE B 78 6.55 24.50 14.21
CA PHE B 78 5.69 24.43 12.99
C PHE B 78 4.27 24.04 13.41
N SER B 79 4.16 23.07 14.32
CA SER B 79 2.83 22.56 14.77
C SER B 79 2.08 23.66 15.51
N GLN B 80 2.71 24.37 16.45
CA GLN B 80 2.01 25.41 17.24
C GLN B 80 1.65 26.60 16.35
N GLU B 81 2.50 26.99 15.40
CA GLU B 81 2.26 28.19 14.58
C GLU B 81 1.28 27.90 13.44
N PHE B 82 1.25 26.68 12.85
CA PHE B 82 0.59 26.48 11.52
C PHE B 82 -0.32 25.23 11.53
N GLY B 83 -0.52 24.62 12.69
CA GLY B 83 -1.05 23.25 12.85
C GLY B 83 -2.54 23.12 12.51
N ASP B 84 -3.30 24.22 12.41
CA ASP B 84 -4.74 24.12 12.06
C ASP B 84 -4.95 24.28 10.56
N GLN B 85 -3.88 24.38 9.75
CA GLN B 85 -4.03 24.40 8.27
C GLN B 85 -4.41 23.00 7.74
N ASP B 86 -5.14 22.96 6.62
CA ASP B 86 -5.50 21.69 5.95
C ASP B 86 -4.44 21.38 4.90
N VAL B 87 -4.09 20.10 4.73
CA VAL B 87 -2.99 19.69 3.83
C VAL B 87 -3.21 18.24 3.33
N ASP B 88 -2.49 17.87 2.27
CA ASP B 88 -2.40 16.46 1.81
C ASP B 88 -1.06 15.87 2.25
N LEU B 89 -1.08 14.59 2.62
CA LEU B 89 0.12 13.78 2.89
C LEU B 89 0.25 12.67 1.85
N VAL B 90 1.46 12.15 1.69
CA VAL B 90 1.76 10.98 0.82
C VAL B 90 2.34 9.86 1.68
N ASN B 91 1.76 8.67 1.52
CA ASN B 91 2.28 7.40 2.09
C ASN B 91 3.45 6.96 1.22
N CYS B 92 4.68 7.04 1.74
CA CYS B 92 5.93 6.75 0.99
C CYS B 92 5.97 5.29 0.51
N ARG B 93 5.30 4.36 1.20
CA ARG B 93 5.37 2.90 0.88
C ARG B 93 4.52 2.59 -0.36
N ASN B 94 3.39 3.25 -0.59
CA ASN B 94 2.46 2.89 -1.70
C ASN B 94 2.10 4.08 -2.59
N CYS B 95 2.63 5.28 -2.34
CA CYS B 95 2.37 6.54 -3.09
C CYS B 95 0.91 7.02 -2.96
N ALA B 96 0.12 6.46 -2.03
CA ALA B 96 -1.28 6.89 -1.81
C ALA B 96 -1.33 8.32 -1.23
N ILE B 97 -2.31 9.13 -1.64
CA ILE B 97 -2.52 10.50 -1.08
C ILE B 97 -3.53 10.41 0.05
N ILE B 98 -3.18 10.93 1.22
CA ILE B 98 -4.12 11.07 2.38
C ILE B 98 -4.59 12.52 2.34
N SER B 99 -5.80 12.79 1.82
CA SER B 99 -6.25 14.16 1.48
C SER B 99 -6.91 14.89 2.66
N ASP B 100 -6.62 16.18 2.79
CA ASP B 100 -7.37 17.12 3.65
C ASP B 100 -7.33 16.72 5.12
N VAL B 101 -6.15 16.53 5.70
CA VAL B 101 -5.97 16.38 7.16
C VAL B 101 -5.29 17.64 7.71
N LYS B 102 -5.07 17.72 9.02
CA LYS B 102 -4.45 18.88 9.68
C LYS B 102 -2.91 18.77 9.66
N VAL B 103 -2.22 19.89 9.40
CA VAL B 103 -0.72 20.02 9.48
C VAL B 103 -0.29 19.46 10.84
N ARG B 104 -1.01 19.68 11.95
CA ARG B 104 -0.56 19.16 13.28
C ARG B 104 -0.58 17.62 13.33
N ASP B 105 -1.41 16.95 12.53
CA ASP B 105 -1.42 15.45 12.57
C ASP B 105 -0.13 14.93 11.89
N PHE B 106 0.51 15.67 11.01
CA PHE B 106 1.85 15.29 10.46
C PHE B 106 2.90 15.58 11.54
N TRP B 107 2.96 16.81 12.08
CA TRP B 107 4.08 17.23 12.97
C TRP B 107 4.00 16.48 14.31
N ASP B 108 2.82 16.12 14.82
CA ASP B 108 2.77 15.53 16.18
C ASP B 108 3.25 14.07 16.16
N GLY B 109 3.35 13.40 14.99
CA GLY B 109 3.95 12.08 14.83
C GLY B 109 5.39 12.09 14.27
N PHE B 110 5.99 13.27 14.14
CA PHE B 110 7.33 13.40 13.51
C PHE B 110 8.35 12.52 14.23
N GLU B 111 8.33 12.54 15.57
CA GLU B 111 9.30 11.78 16.39
C GLU B 111 8.62 10.79 17.34
N ILE B 112 7.30 10.84 17.52
CA ILE B 112 6.50 9.86 18.37
C ILE B 112 5.71 8.92 17.45
N ILE B 113 6.20 7.72 17.26
CA ILE B 113 5.69 6.75 16.25
C ILE B 113 4.22 6.37 16.59
N CYS B 114 3.89 6.25 17.89
CA CYS B 114 2.53 5.79 18.33
C CYS B 114 1.47 6.86 17.97
N LYS B 115 1.87 8.12 17.69
CA LYS B 115 0.93 9.22 17.35
C LYS B 115 0.65 9.27 15.84
N ARG B 116 1.29 8.45 15.03
CA ARG B 116 1.17 8.58 13.56
C ARG B 116 -0.15 8.01 13.06
N LEU B 117 -0.66 8.59 11.95
CA LEU B 117 -1.75 8.02 11.14
C LEU B 117 -1.33 6.62 10.67
N ARG B 118 -2.25 5.65 10.74
CA ARG B 118 -2.02 4.24 10.37
C ARG B 118 -2.64 3.84 9.03
N SER B 119 -2.07 2.79 8.43
CA SER B 119 -2.57 2.16 7.20
C SER B 119 -3.60 1.05 7.60
N GLU B 120 -4.18 0.44 6.59
CA GLU B 120 -5.20 -0.66 6.65
C GLU B 120 -4.67 -1.81 7.53
N ASP B 121 -3.34 -2.05 7.55
CA ASP B 121 -2.71 -3.15 8.34
C ASP B 121 -2.52 -2.79 9.80
N GLY B 122 -3.00 -1.63 10.28
CA GLY B 122 -2.73 -1.14 11.64
C GLY B 122 -1.33 -0.63 11.92
N GLN B 123 -0.43 -0.59 10.91
CA GLN B 123 0.96 -0.10 11.13
C GLN B 123 0.99 1.42 10.99
N PRO B 124 1.86 2.11 11.75
CA PRO B 124 2.13 3.53 11.56
C PRO B 124 2.72 3.76 10.15
N MET B 125 2.20 4.78 9.46
CA MET B 125 2.65 5.11 8.09
C MET B 125 3.95 5.96 8.17
N VAL B 126 4.73 5.78 7.13
CA VAL B 126 5.88 6.68 6.80
C VAL B 126 5.33 7.71 5.80
N LEU B 127 5.20 8.95 6.28
CA LEU B 127 4.48 10.02 5.57
C LEU B 127 5.42 11.16 5.12
N LYS B 128 5.08 11.80 4.01
CA LYS B 128 5.69 13.11 3.62
C LYS B 128 4.59 14.16 3.46
N LEU B 129 4.90 15.37 3.83
CA LEU B 129 3.95 16.48 3.72
C LEU B 129 4.02 16.99 2.31
N LYS B 130 2.92 17.04 1.57
CA LYS B 130 2.92 17.44 0.15
C LYS B 130 2.76 18.96 0.03
N ASP B 131 3.61 19.59 -0.78
CA ASP B 131 3.37 20.99 -1.26
C ASP B 131 3.09 21.93 -0.08
N TRP B 132 3.99 22.01 0.90
CA TRP B 132 3.80 22.87 2.09
C TRP B 132 5.11 23.55 2.48
N PRO B 133 5.13 24.89 2.69
CA PRO B 133 4.05 25.77 2.31
C PRO B 133 3.74 25.65 0.83
N PRO B 134 2.47 25.84 0.43
CA PRO B 134 2.04 25.61 -0.94
C PRO B 134 2.57 26.63 -1.94
N GLY B 135 2.89 26.15 -3.14
CA GLY B 135 3.33 26.98 -4.27
C GLY B 135 4.50 27.82 -3.85
N GLU B 136 4.36 29.16 -3.91
CA GLU B 136 5.44 30.13 -3.63
C GLU B 136 5.08 30.89 -2.34
N ASP B 137 4.31 30.29 -1.44
CA ASP B 137 3.84 31.00 -0.21
C ASP B 137 4.91 31.03 0.90
N PHE B 138 6.08 30.39 0.71
CA PHE B 138 7.10 30.22 1.77
C PHE B 138 7.47 31.59 2.32
N ARG B 139 7.78 32.56 1.46
CA ARG B 139 8.14 33.93 1.91
C ARG B 139 6.99 34.58 2.68
N ASP B 140 5.76 34.53 2.18
CA ASP B 140 4.60 35.22 2.79
C ASP B 140 4.20 34.50 4.07
N MET B 141 4.24 33.16 4.11
CA MET B 141 3.74 32.42 5.30
C MET B 141 4.79 32.44 6.41
N MET B 142 6.09 32.44 6.07
CA MET B 142 7.18 32.21 7.04
C MET B 142 8.30 33.23 6.83
N PRO B 143 8.03 34.55 6.95
CA PRO B 143 9.04 35.57 6.64
C PRO B 143 10.35 35.48 7.44
N THR B 144 10.29 35.15 8.74
CA THR B 144 11.48 35.09 9.62
C THR B 144 12.34 33.86 9.25
N ARG B 145 11.71 32.74 8.87
CA ARG B 145 12.41 31.52 8.36
C ARG B 145 13.06 31.81 7.00
N PHE B 146 12.39 32.53 6.11
CA PHE B 146 12.97 32.95 4.81
C PHE B 146 14.26 33.75 5.05
N GLU B 147 14.22 34.76 5.93
CA GLU B 147 15.37 35.67 6.21
C GLU B 147 16.51 34.83 6.82
N ASP B 148 16.22 33.95 7.76
CA ASP B 148 17.22 33.12 8.46
C ASP B 148 17.95 32.21 7.43
N LEU B 149 17.21 31.54 6.56
CA LEU B 149 17.84 30.69 5.51
C LEU B 149 18.65 31.50 4.48
N MET B 150 18.08 32.53 3.84
CA MET B 150 18.75 33.24 2.70
C MET B 150 20.03 33.94 3.17
N GLU B 151 20.05 34.50 4.39
CA GLU B 151 21.22 35.22 4.90
C GLU B 151 22.36 34.24 5.13
N ASN B 152 22.08 32.93 5.30
CA ASN B 152 23.08 31.95 5.79
C ASN B 152 23.39 30.85 4.77
N LEU B 153 22.88 30.97 3.54
CA LEU B 153 23.15 30.01 2.41
C LEU B 153 24.64 30.09 2.08
N PRO B 154 25.32 28.94 1.94
CA PRO B 154 26.72 28.91 1.53
C PRO B 154 26.84 29.25 0.05
N LEU B 155 28.07 29.55 -0.35
CA LEU B 155 28.40 30.01 -1.74
C LEU B 155 27.38 31.06 -2.20
N PRO B 156 27.21 32.16 -1.42
CA PRO B 156 26.16 33.13 -1.69
C PRO B 156 26.29 33.85 -3.05
N GLU B 157 27.49 34.02 -3.63
CA GLU B 157 27.60 34.65 -4.98
C GLU B 157 26.88 33.78 -6.00
N TYR B 158 26.71 32.47 -5.72
CA TYR B 158 26.06 31.49 -6.62
C TYR B 158 24.57 31.34 -6.24
N THR B 159 24.24 31.38 -4.95
CA THR B 159 22.95 30.85 -4.42
C THR B 159 21.94 31.97 -4.13
N LYS B 160 22.34 33.18 -3.74
CA LYS B 160 21.40 34.28 -3.43
C LYS B 160 20.87 34.96 -4.72
N ARG B 161 19.66 35.54 -4.68
N ARG B 161 19.67 35.55 -4.67
CA ARG B 161 19.01 36.14 -5.89
CA ARG B 161 19.00 36.11 -5.87
C ARG B 161 19.93 37.19 -6.53
C ARG B 161 19.88 37.20 -6.53
N ASP B 162 20.50 38.06 -5.72
CA ASP B 162 21.38 39.16 -6.21
C ASP B 162 22.85 38.73 -6.20
N GLY B 163 23.16 37.42 -6.10
CA GLY B 163 24.54 36.90 -6.18
C GLY B 163 25.21 37.33 -7.49
N ARG B 164 26.48 37.67 -7.45
CA ARG B 164 27.26 38.09 -8.66
C ARG B 164 27.20 37.01 -9.74
N LEU B 165 27.19 35.72 -9.36
CA LEU B 165 27.28 34.62 -10.37
C LEU B 165 25.97 33.83 -10.41
N ASN B 166 24.88 34.32 -9.85
CA ASN B 166 23.54 33.70 -10.06
C ASN B 166 22.88 34.40 -11.25
N LEU B 167 22.55 33.67 -12.31
CA LEU B 167 22.01 34.26 -13.56
C LEU B 167 20.49 34.19 -13.57
N ALA B 168 19.85 33.52 -12.60
CA ALA B 168 18.39 33.21 -12.64
C ALA B 168 17.53 34.47 -12.85
N SER B 169 17.82 35.59 -12.17
CA SER B 169 16.96 36.80 -12.29
C SER B 169 17.15 37.53 -13.64
N ARG B 170 18.21 37.25 -14.38
CA ARG B 170 18.61 38.00 -15.60
C ARG B 170 18.18 37.26 -16.87
N LEU B 171 18.09 35.94 -16.86
CA LEU B 171 17.88 35.15 -18.10
C LEU B 171 16.41 35.05 -18.47
N PRO B 172 16.14 34.99 -19.80
CA PRO B 172 14.79 34.67 -20.28
C PRO B 172 14.24 33.28 -19.92
N SER B 173 12.92 33.10 -20.08
CA SER B 173 12.22 31.87 -19.65
C SER B 173 12.69 30.61 -20.38
N TYR B 174 13.35 30.70 -21.53
CA TYR B 174 13.89 29.51 -22.26
C TYR B 174 15.14 28.95 -21.55
N PHE B 175 15.65 29.62 -20.49
CA PHE B 175 16.74 29.09 -19.61
C PHE B 175 16.20 28.69 -18.23
N VAL B 176 15.18 29.35 -17.69
CA VAL B 176 14.86 29.24 -16.23
C VAL B 176 13.46 29.77 -15.95
N ARG B 177 12.75 29.12 -15.03
CA ARG B 177 11.41 29.55 -14.55
C ARG B 177 11.59 30.87 -13.80
N PRO B 178 10.65 31.83 -13.91
CA PRO B 178 10.79 33.10 -13.19
C PRO B 178 10.55 33.01 -11.66
N ASP B 179 11.13 33.98 -10.94
CA ASP B 179 10.83 34.28 -9.52
C ASP B 179 11.10 33.03 -8.65
N LEU B 180 12.33 32.51 -8.65
CA LEU B 180 12.67 31.29 -7.85
C LEU B 180 12.55 31.67 -6.36
N GLY B 181 12.02 30.77 -5.52
CA GLY B 181 12.00 30.92 -4.04
C GLY B 181 12.20 29.56 -3.37
N PRO B 182 12.49 29.51 -2.05
CA PRO B 182 12.82 28.25 -1.40
C PRO B 182 11.61 27.32 -1.29
N LYS B 183 11.90 26.03 -1.19
CA LYS B 183 10.86 24.96 -1.01
C LYS B 183 11.29 24.10 0.18
N MET B 184 10.33 23.63 0.97
CA MET B 184 10.57 22.87 2.23
C MET B 184 10.21 21.42 1.95
N TYR B 185 11.03 20.45 2.39
CA TYR B 185 10.81 18.99 2.17
C TYR B 185 10.79 18.31 3.53
N ASN B 186 9.61 17.78 3.92
CA ASN B 186 9.32 17.37 5.31
C ASN B 186 8.77 15.92 5.25
N ALA B 187 9.49 14.95 5.80
CA ALA B 187 9.05 13.54 5.73
C ALA B 187 9.63 12.73 6.88
N TYR B 188 8.90 11.68 7.29
CA TYR B 188 9.34 10.74 8.34
C TYR B 188 10.52 9.90 7.81
N GLY B 189 11.24 9.22 8.71
CA GLY B 189 12.28 8.24 8.36
C GLY B 189 11.70 6.92 7.89
N LEU B 190 12.29 6.24 6.92
CA LEU B 190 12.01 4.83 6.56
C LEU B 190 12.58 3.90 7.64
N ILE B 191 11.95 2.74 7.91
CA ILE B 191 12.08 2.00 9.22
C ILE B 191 12.43 0.53 9.01
N THR B 192 11.73 -0.18 8.13
CA THR B 192 11.78 -1.67 8.02
C THR B 192 12.84 -2.13 7.02
N ALA B 193 13.09 -3.44 7.00
CA ALA B 193 13.96 -4.06 5.99
C ALA B 193 13.30 -3.92 4.61
N GLU B 194 11.98 -4.03 4.50
CA GLU B 194 11.28 -3.85 3.19
C GLU B 194 11.41 -2.38 2.75
N ASP B 195 11.48 -1.46 3.69
CA ASP B 195 11.59 0.01 3.43
C ASP B 195 12.96 0.34 2.81
N ARG B 196 13.97 -0.53 2.91
CA ARG B 196 15.31 -0.25 2.34
C ARG B 196 15.21 0.01 0.85
N ARG B 197 14.27 -0.62 0.13
CA ARG B 197 14.06 -0.51 -1.32
C ARG B 197 13.11 0.64 -1.70
N VAL B 198 12.71 1.50 -0.75
CA VAL B 198 11.72 2.59 -0.97
C VAL B 198 12.48 3.93 -0.97
N GLY B 199 12.07 4.87 -1.82
CA GLY B 199 12.57 6.26 -1.77
C GLY B 199 11.66 7.18 -0.98
N THR B 200 12.21 8.14 -0.25
CA THR B 200 11.50 9.36 0.18
C THR B 200 11.16 10.17 -1.09
N THR B 201 12.17 10.42 -1.93
CA THR B 201 12.01 11.10 -3.23
C THR B 201 12.58 10.19 -4.33
N ASN B 202 11.78 9.70 -5.27
CA ASN B 202 12.21 8.75 -6.30
C ASN B 202 13.23 9.43 -7.23
N LEU B 203 14.02 8.63 -7.93
CA LEU B 203 15.00 9.08 -8.95
C LEU B 203 14.34 10.05 -9.93
N HIS B 204 14.95 11.23 -10.09
CA HIS B 204 14.41 12.30 -10.97
C HIS B 204 15.58 13.22 -11.35
N LEU B 205 15.33 14.18 -12.24
CA LEU B 205 16.31 15.30 -12.43
C LEU B 205 15.56 16.64 -12.31
N ASP B 206 16.32 17.73 -12.08
CA ASP B 206 15.79 19.11 -12.01
C ASP B 206 16.45 19.92 -13.14
N VAL B 207 15.71 20.89 -13.70
CA VAL B 207 16.12 21.66 -14.92
C VAL B 207 17.04 22.83 -14.54
N SER B 208 17.19 23.13 -13.26
CA SER B 208 18.12 24.19 -12.75
C SER B 208 19.15 23.57 -11.81
N ASP B 209 20.19 24.35 -11.46
CA ASP B 209 21.07 23.99 -10.31
C ASP B 209 20.29 24.14 -8.99
N ALA B 210 20.69 23.46 -7.90
CA ALA B 210 20.03 23.61 -6.59
C ALA B 210 20.98 23.35 -5.44
N VAL B 211 20.65 23.91 -4.28
CA VAL B 211 21.29 23.61 -2.98
C VAL B 211 20.21 23.13 -2.03
N ASN B 212 20.46 22.04 -1.31
CA ASN B 212 19.47 21.43 -0.36
C ASN B 212 20.11 21.40 1.03
N VAL B 213 19.54 22.10 2.00
CA VAL B 213 20.10 22.24 3.39
C VAL B 213 19.27 21.40 4.39
N MET B 214 19.93 20.55 5.15
CA MET B 214 19.32 19.75 6.25
C MET B 214 19.23 20.67 7.47
N VAL B 215 18.01 21.10 7.87
CA VAL B 215 17.86 22.07 9.00
C VAL B 215 17.43 21.40 10.30
N TYR B 216 16.90 20.18 10.25
CA TYR B 216 16.48 19.45 11.50
C TYR B 216 16.46 17.96 11.23
N VAL B 217 16.95 17.15 12.19
CA VAL B 217 16.88 15.67 12.13
C VAL B 217 16.24 15.19 13.44
N GLY B 218 15.12 14.46 13.32
CA GLY B 218 14.35 13.93 14.47
C GLY B 218 14.55 12.44 14.57
N ILE B 219 15.17 12.03 15.67
CA ILE B 219 15.47 10.60 15.97
C ILE B 219 14.49 10.12 17.04
N PRO B 220 13.50 9.26 16.69
CA PRO B 220 12.54 8.75 17.69
C PRO B 220 13.22 7.82 18.71
N ILE B 221 12.77 7.82 19.99
CA ILE B 221 13.05 6.73 21.00
C ILE B 221 11.75 5.95 21.27
N ALA B 225 16.74 2.84 20.61
CA ALA B 225 17.62 3.02 19.43
C ALA B 225 17.37 1.89 18.41
N HIS B 226 16.59 2.17 17.36
CA HIS B 226 16.42 1.28 16.17
C HIS B 226 17.50 1.65 15.15
N ASP B 227 18.73 1.87 15.62
CA ASP B 227 19.97 2.15 14.84
C ASP B 227 20.36 0.91 14.02
N GLU B 228 19.66 -0.22 14.22
CA GLU B 228 20.00 -1.54 13.64
C GLU B 228 19.88 -1.48 12.12
N GLU B 229 18.66 -1.27 11.63
CA GLU B 229 18.32 -1.26 10.18
C GLU B 229 19.01 -0.05 9.51
N VAL B 230 19.20 1.04 10.25
CA VAL B 230 19.86 2.28 9.75
C VAL B 230 21.33 1.96 9.41
N LEU B 231 22.12 1.36 10.31
CA LEU B 231 23.56 1.04 10.03
C LEU B 231 23.67 0.05 8.85
N LYS B 232 22.72 -0.85 8.68
CA LYS B 232 22.72 -1.80 7.54
C LYS B 232 22.32 -1.04 6.24
N THR B 233 21.44 -0.05 6.33
CA THR B 233 20.97 0.70 5.13
C THR B 233 22.13 1.54 4.57
N ILE B 234 22.94 2.12 5.46
CA ILE B 234 24.16 2.93 5.15
C ILE B 234 25.16 2.04 4.42
N ASP B 235 25.33 0.82 4.92
CA ASP B 235 26.35 -0.14 4.40
C ASP B 235 25.99 -0.61 2.99
N GLU B 236 24.83 -1.23 2.83
CA GLU B 236 24.22 -1.70 1.56
C GLU B 236 24.11 -0.50 0.58
N GLY B 237 23.85 0.69 1.14
CA GLY B 237 23.79 1.98 0.42
C GLY B 237 25.10 2.35 -0.24
N ASP B 238 26.23 1.76 0.22
CA ASP B 238 27.59 1.90 -0.40
C ASP B 238 28.25 3.19 0.07
N ALA B 239 27.91 3.70 1.26
CA ALA B 239 28.66 4.80 1.90
C ALA B 239 30.12 4.38 2.07
N ASP B 240 31.01 5.35 2.22
CA ASP B 240 32.49 5.13 2.33
C ASP B 240 32.85 4.90 3.79
N GLU B 241 34.06 4.40 4.09
CA GLU B 241 34.39 3.89 5.44
C GLU B 241 34.45 5.05 6.43
N VAL B 242 34.90 6.23 6.03
CA VAL B 242 34.99 7.41 6.94
C VAL B 242 33.57 7.76 7.44
N THR B 243 32.58 7.65 6.55
CA THR B 243 31.16 7.99 6.83
C THR B 243 30.59 6.97 7.84
N LYS B 244 30.73 5.67 7.54
CA LYS B 244 30.28 4.55 8.43
C LYS B 244 30.91 4.66 9.83
N GLU B 245 32.23 4.76 9.91
CA GLU B 245 32.95 4.79 11.21
C GLU B 245 32.50 6.07 11.93
N ARG B 246 32.22 7.11 11.15
CA ARG B 246 31.84 8.44 11.66
C ARG B 246 30.48 8.42 12.40
N ILE B 247 29.54 7.56 12.02
CA ILE B 247 28.21 7.53 12.68
C ILE B 247 28.33 6.83 14.06
N HIS B 248 29.55 6.75 14.62
CA HIS B 248 29.83 6.52 16.07
C HIS B 248 31.25 7.00 16.47
N ASP B 249 31.82 7.99 15.77
CA ASP B 249 33.20 8.55 15.99
C ASP B 249 33.07 9.97 16.56
N HIS B 250 32.03 10.70 16.14
CA HIS B 250 31.29 11.74 16.91
C HIS B 250 29.96 11.08 17.36
N LYS B 251 28.96 11.89 17.70
CA LYS B 251 27.53 11.48 17.67
C LYS B 251 26.75 12.53 16.86
N GLU B 252 27.10 12.71 15.58
CA GLU B 252 26.33 13.57 14.64
C GLU B 252 25.04 12.83 14.33
N LYS B 253 24.06 13.58 13.83
CA LYS B 253 22.71 13.09 13.46
C LYS B 253 22.67 12.92 11.94
N PRO B 254 22.76 11.69 11.41
CA PRO B 254 22.57 11.42 9.98
C PRO B 254 21.09 11.52 9.59
N GLY B 255 20.76 12.28 8.54
CA GLY B 255 19.35 12.55 8.17
C GLY B 255 18.92 11.72 6.97
N ALA B 256 19.66 11.74 5.87
CA ALA B 256 19.23 11.07 4.63
C ALA B 256 20.40 10.51 3.83
N LEU B 257 20.12 9.44 3.11
CA LEU B 257 21.03 8.79 2.15
C LEU B 257 20.60 9.19 0.74
N TRP B 258 21.52 9.85 0.02
CA TRP B 258 21.34 10.26 -1.37
C TRP B 258 22.13 9.31 -2.29
N HIS B 259 21.66 9.08 -3.48
CA HIS B 259 22.50 8.65 -4.63
C HIS B 259 22.34 9.68 -5.76
N ILE B 260 23.46 10.25 -6.22
CA ILE B 260 23.50 11.28 -7.28
C ILE B 260 24.34 10.73 -8.45
N TYR B 261 23.88 10.92 -9.67
CA TYR B 261 24.55 10.51 -10.93
C TYR B 261 24.94 11.76 -11.73
N ALA B 262 26.00 11.63 -12.53
CA ALA B 262 26.38 12.72 -13.47
C ALA B 262 25.29 12.99 -14.53
N ALA B 263 25.05 14.25 -14.87
CA ALA B 263 24.15 14.65 -15.99
C ALA B 263 24.48 13.84 -17.27
N LYS B 264 25.76 13.62 -17.58
CA LYS B 264 26.14 12.89 -18.85
C LYS B 264 25.74 11.40 -18.82
N ASP B 265 25.33 10.84 -17.67
CA ASP B 265 24.97 9.40 -17.54
C ASP B 265 23.45 9.21 -17.54
N ALA B 266 22.65 10.27 -17.74
CA ALA B 266 21.17 10.16 -17.64
C ALA B 266 20.65 9.15 -18.67
N GLU B 267 21.16 9.17 -19.89
CA GLU B 267 20.59 8.36 -21.01
C GLU B 267 20.95 6.89 -20.79
N LYS B 268 22.12 6.57 -20.24
CA LYS B 268 22.48 5.17 -19.86
C LYS B 268 21.53 4.69 -18.78
N ILE B 269 21.10 5.56 -17.86
CA ILE B 269 20.19 5.16 -16.75
C ILE B 269 18.81 4.92 -17.38
N ARG B 270 18.40 5.73 -18.36
CA ARG B 270 17.10 5.53 -19.06
C ARG B 270 17.10 4.17 -19.80
N GLU B 271 18.19 3.85 -20.48
CA GLU B 271 18.33 2.55 -21.21
C GLU B 271 18.08 1.40 -20.24
N LEU B 272 18.74 1.40 -19.06
CA LEU B 272 18.60 0.31 -18.06
C LEU B 272 17.13 0.21 -17.61
N LEU B 273 16.53 1.32 -17.22
CA LEU B 273 15.16 1.30 -16.62
C LEU B 273 14.10 0.99 -17.69
N ARG B 274 14.35 1.30 -18.97
CA ARG B 274 13.48 0.82 -20.09
C ARG B 274 13.55 -0.72 -20.11
N LYS B 275 14.74 -1.31 -20.03
CA LYS B 275 14.92 -2.79 -20.09
C LYS B 275 14.16 -3.41 -18.92
N VAL B 276 14.51 -3.03 -17.69
CA VAL B 276 13.94 -3.60 -16.43
C VAL B 276 12.42 -3.45 -16.44
N GLY B 277 11.91 -2.32 -16.94
CA GLY B 277 10.46 -2.06 -17.03
C GLY B 277 9.78 -3.07 -17.93
N GLU B 278 10.44 -3.44 -19.03
CA GLU B 278 9.97 -4.42 -20.04
C GLU B 278 9.96 -5.80 -19.39
N GLU B 279 11.01 -6.13 -18.63
CA GLU B 279 11.17 -7.40 -17.86
C GLU B 279 10.06 -7.53 -16.80
N GLN B 280 9.53 -6.42 -16.29
CA GLN B 280 8.61 -6.45 -15.13
C GLN B 280 7.15 -6.39 -15.61
N GLY B 281 6.92 -6.38 -16.94
CA GLY B 281 5.57 -6.38 -17.52
C GLY B 281 5.34 -5.15 -18.37
N GLN B 282 5.62 -3.97 -17.80
CA GLN B 282 5.30 -2.63 -18.36
C GLN B 282 5.35 -2.65 -19.90
N GLU B 283 4.32 -2.09 -20.54
CA GLU B 283 4.29 -1.82 -22.00
C GLU B 283 4.47 -0.31 -22.18
N ASN B 284 5.67 0.11 -22.56
CA ASN B 284 6.07 1.54 -22.74
C ASN B 284 6.61 1.68 -24.16
N PRO B 285 6.42 2.83 -24.84
CA PRO B 285 7.10 3.07 -26.12
C PRO B 285 8.62 3.12 -25.98
N PRO B 286 9.39 3.01 -27.09
CA PRO B 286 10.85 3.02 -27.00
C PRO B 286 11.38 4.41 -26.62
N ASP B 287 10.51 5.43 -26.74
CA ASP B 287 10.70 6.87 -26.43
C ASP B 287 10.64 7.13 -24.92
N HIS B 288 9.99 6.21 -24.20
CA HIS B 288 9.61 6.39 -22.78
C HIS B 288 10.78 6.91 -21.92
N ASP B 289 10.49 7.87 -21.04
CA ASP B 289 11.53 8.48 -20.15
C ASP B 289 11.26 8.10 -18.71
N PRO B 290 11.89 7.03 -18.17
CA PRO B 290 11.65 6.63 -16.79
C PRO B 290 12.18 7.61 -15.71
N ILE B 291 13.07 8.54 -16.07
CA ILE B 291 13.56 9.59 -15.12
C ILE B 291 12.46 10.64 -14.99
N HIS B 292 11.86 11.07 -16.12
CA HIS B 292 10.72 12.02 -16.15
C HIS B 292 9.54 11.41 -15.36
N ASP B 293 9.36 10.08 -15.44
CA ASP B 293 8.25 9.38 -14.75
C ASP B 293 8.34 9.48 -13.22
N GLN B 294 9.55 9.62 -12.66
CA GLN B 294 9.77 9.75 -11.20
C GLN B 294 9.15 8.53 -10.48
N SER B 295 9.18 7.33 -11.10
CA SER B 295 8.49 6.10 -10.62
C SER B 295 9.47 5.07 -10.04
N TRP B 296 10.79 5.31 -10.10
CA TRP B 296 11.86 4.33 -9.77
C TRP B 296 12.67 4.74 -8.53
N TYR B 297 13.03 3.78 -7.70
CA TYR B 297 14.10 3.96 -6.68
C TYR B 297 15.16 2.90 -6.96
N LEU B 298 16.41 3.30 -7.21
CA LEU B 298 17.48 2.30 -7.49
C LEU B 298 17.94 1.65 -6.18
N ASP B 299 17.52 0.39 -5.97
CA ASP B 299 17.89 -0.43 -4.78
C ASP B 299 19.28 -1.01 -5.02
N GLN B 300 19.81 -1.81 -4.09
CA GLN B 300 21.19 -2.34 -4.25
C GLN B 300 21.31 -3.14 -5.55
N THR B 301 20.31 -3.93 -5.88
CA THR B 301 20.33 -4.82 -7.08
C THR B 301 20.44 -3.97 -8.34
N LEU B 302 19.63 -2.91 -8.40
CA LEU B 302 19.58 -2.05 -9.62
C LEU B 302 20.89 -1.26 -9.75
N ARG B 303 21.45 -0.73 -8.65
CA ARG B 303 22.70 0.06 -8.66
C ARG B 303 23.85 -0.84 -9.15
N LYS B 304 23.92 -2.08 -8.66
CA LYS B 304 25.03 -3.00 -9.05
C LYS B 304 24.97 -3.26 -10.56
N ARG B 305 23.78 -3.57 -11.08
CA ARG B 305 23.50 -3.83 -12.51
C ARG B 305 23.81 -2.59 -13.36
N LEU B 306 23.48 -1.38 -12.89
CA LEU B 306 23.84 -0.12 -13.60
C LEU B 306 25.36 -0.07 -13.77
N TYR B 307 26.11 -0.33 -12.71
CA TYR B 307 27.60 -0.31 -12.77
C TYR B 307 28.13 -1.39 -13.74
N GLU B 308 27.67 -2.64 -13.52
N GLU B 308 27.67 -2.63 -13.56
CA GLU B 308 28.08 -3.85 -14.26
CA GLU B 308 28.19 -3.81 -14.31
C GLU B 308 27.81 -3.66 -15.76
C GLU B 308 27.81 -3.70 -15.79
N GLU B 309 26.54 -3.43 -16.11
CA GLU B 309 26.09 -3.36 -17.53
C GLU B 309 26.51 -2.07 -18.24
N TYR B 310 26.54 -0.89 -17.59
CA TYR B 310 26.71 0.39 -18.33
C TYR B 310 27.95 1.17 -17.89
N GLY B 311 28.65 0.74 -16.84
CA GLY B 311 29.86 1.42 -16.36
C GLY B 311 29.54 2.67 -15.53
N VAL B 312 28.27 2.86 -15.11
CA VAL B 312 27.86 4.10 -14.37
C VAL B 312 27.91 3.85 -12.88
N GLN B 313 28.63 4.71 -12.15
CA GLN B 313 28.95 4.55 -10.70
C GLN B 313 28.01 5.38 -9.80
N GLY B 314 28.06 6.71 -9.87
CA GLY B 314 27.25 7.57 -8.95
C GLY B 314 27.83 7.71 -7.55
N TRP B 315 27.42 8.75 -6.82
CA TRP B 315 27.93 9.17 -5.49
C TRP B 315 26.89 8.81 -4.42
N ALA B 316 27.25 8.01 -3.41
CA ALA B 316 26.42 7.70 -2.22
C ALA B 316 26.79 8.67 -1.10
N ILE B 317 25.88 9.56 -0.73
CA ILE B 317 26.14 10.68 0.22
C ILE B 317 25.19 10.57 1.41
N VAL B 318 25.73 10.59 2.63
CA VAL B 318 24.93 10.78 3.86
C VAL B 318 24.93 12.26 4.23
N GLN B 319 23.72 12.85 4.23
CA GLN B 319 23.47 14.27 4.58
C GLN B 319 23.15 14.30 6.08
N PHE B 320 24.04 14.86 6.88
CA PHE B 320 23.86 15.06 8.33
C PHE B 320 23.17 16.40 8.59
N LEU B 321 22.76 16.66 9.85
CA LEU B 321 22.25 17.99 10.26
C LEU B 321 23.25 19.09 9.90
N GLY B 322 22.80 20.09 9.14
CA GLY B 322 23.60 21.27 8.74
C GLY B 322 24.32 21.08 7.41
N ASP B 323 24.24 19.91 6.81
CA ASP B 323 24.92 19.62 5.52
C ASP B 323 24.08 20.23 4.37
N ALA B 324 24.73 21.03 3.53
CA ALA B 324 24.18 21.55 2.26
C ALA B 324 24.74 20.75 1.11
N VAL B 325 23.85 20.13 0.32
CA VAL B 325 24.20 19.34 -0.88
C VAL B 325 23.93 20.17 -2.12
N PHE B 326 24.97 20.39 -2.92
CA PHE B 326 24.84 21.12 -4.22
C PHE B 326 24.64 20.12 -5.33
N ILE B 327 23.57 20.29 -6.10
CA ILE B 327 23.11 19.32 -7.17
C ILE B 327 23.17 20.01 -8.53
N PRO B 328 24.05 19.57 -9.46
CA PRO B 328 24.11 20.16 -10.81
C PRO B 328 22.81 19.92 -11.58
N ALA B 329 22.40 20.94 -12.34
CA ALA B 329 21.28 20.86 -13.29
C ALA B 329 21.42 19.56 -14.12
N GLY B 330 20.39 18.72 -14.17
CA GLY B 330 20.33 17.53 -15.03
C GLY B 330 20.95 16.30 -14.37
N ALA B 331 21.54 16.41 -13.16
CA ALA B 331 22.16 15.24 -12.47
C ALA B 331 21.01 14.43 -11.89
N PRO B 332 20.73 13.19 -12.36
CA PRO B 332 19.68 12.40 -11.71
C PRO B 332 20.01 12.08 -10.25
N HIS B 333 18.99 12.07 -9.40
CA HIS B 333 19.18 11.82 -7.96
C HIS B 333 17.93 11.28 -7.29
N GLN B 334 18.16 10.56 -6.19
CA GLN B 334 17.13 9.94 -5.32
C GLN B 334 17.50 10.19 -3.87
N VAL B 335 16.51 10.19 -2.96
CA VAL B 335 16.74 10.46 -1.52
C VAL B 335 15.99 9.43 -0.67
N HIS B 336 16.63 8.90 0.37
CA HIS B 336 16.04 7.89 1.31
C HIS B 336 16.25 8.39 2.72
N ASN B 337 15.19 8.90 3.39
CA ASN B 337 15.35 9.41 4.77
C ASN B 337 15.63 8.24 5.75
N LEU B 338 16.71 8.37 6.51
CA LEU B 338 17.13 7.46 7.61
C LEU B 338 16.35 7.77 8.90
N TYR B 339 16.12 9.04 9.20
CA TYR B 339 15.35 9.54 10.36
C TYR B 339 14.39 10.62 9.80
N SER B 340 13.48 11.13 10.62
CA SER B 340 12.57 12.22 10.17
C SER B 340 13.44 13.46 9.87
N CYS B 341 13.20 14.10 8.73
CA CYS B 341 14.03 15.25 8.27
C CYS B 341 13.18 16.46 7.90
N ILE B 342 13.68 17.67 8.21
CA ILE B 342 13.27 18.96 7.59
C ILE B 342 14.42 19.46 6.70
N LYS B 343 14.19 19.55 5.40
CA LYS B 343 15.20 20.11 4.43
C LYS B 343 14.62 21.38 3.79
N VAL B 344 15.47 22.34 3.40
CA VAL B 344 14.99 23.50 2.61
C VAL B 344 15.94 23.64 1.41
N ALA B 345 15.39 23.76 0.22
CA ALA B 345 16.17 23.85 -1.04
C ALA B 345 15.90 25.16 -1.79
N GLU B 346 16.93 25.66 -2.49
CA GLU B 346 16.85 26.90 -3.32
C GLU B 346 17.45 26.57 -4.70
N ASP B 347 16.70 26.84 -5.76
CA ASP B 347 17.16 26.70 -7.17
C ASP B 347 17.96 27.97 -7.55
N PHE B 348 18.95 27.82 -8.44
CA PHE B 348 19.80 28.92 -8.97
C PHE B 348 20.29 28.50 -10.36
N VAL B 349 20.94 29.43 -11.08
CA VAL B 349 21.54 29.17 -12.40
C VAL B 349 22.99 29.65 -12.43
N SER B 350 23.96 28.73 -12.41
CA SER B 350 25.40 29.08 -12.54
C SER B 350 25.81 29.23 -14.01
N PRO B 351 26.78 30.12 -14.29
CA PRO B 351 27.33 30.25 -15.64
C PRO B 351 27.87 28.93 -16.21
N GLU B 352 28.46 28.11 -15.36
CA GLU B 352 29.10 26.81 -15.69
C GLU B 352 28.07 25.90 -16.36
N HIS B 353 26.77 26.02 -15.98
CA HIS B 353 25.74 25.06 -16.37
C HIS B 353 24.63 25.69 -17.25
N VAL B 354 24.84 26.91 -17.75
CA VAL B 354 23.78 27.64 -18.49
C VAL B 354 23.38 26.91 -19.78
N LYS B 355 24.30 26.26 -20.48
CA LYS B 355 23.94 25.49 -21.71
C LYS B 355 23.00 24.33 -21.35
N HIS B 356 23.37 23.57 -20.32
CA HIS B 356 22.54 22.46 -19.77
C HIS B 356 21.16 22.97 -19.43
N CYS B 357 21.04 24.10 -18.71
CA CYS B 357 19.75 24.66 -18.28
C CYS B 357 18.84 24.94 -19.50
N PHE B 358 19.40 25.47 -20.60
CA PHE B 358 18.63 25.71 -21.86
C PHE B 358 18.11 24.37 -22.43
N ARG B 359 18.96 23.37 -22.52
CA ARG B 359 18.60 22.06 -23.11
C ARG B 359 17.57 21.35 -22.23
N LEU B 360 17.75 21.37 -20.92
CA LEU B 360 16.80 20.69 -20.00
C LEU B 360 15.44 21.38 -20.05
N THR B 361 15.39 22.71 -20.18
CA THR B 361 14.12 23.46 -20.23
C THR B 361 13.39 23.09 -21.55
N GLN B 362 14.13 23.00 -22.63
CA GLN B 362 13.61 22.55 -23.95
C GLN B 362 12.95 21.17 -23.77
N GLU B 363 13.69 20.21 -23.20
CA GLU B 363 13.25 18.79 -23.06
C GLU B 363 12.04 18.75 -22.15
N PHE B 364 12.02 19.53 -21.06
CA PHE B 364 10.87 19.57 -20.13
C PHE B 364 9.61 20.00 -20.90
N ARG B 365 9.67 21.07 -21.67
CA ARG B 365 8.53 21.57 -22.49
C ARG B 365 8.05 20.49 -23.48
N HIS B 366 8.97 19.77 -24.11
CA HIS B 366 8.65 18.69 -25.09
C HIS B 366 7.92 17.53 -24.39
N LEU B 367 8.43 17.07 -23.25
CA LEU B 367 7.84 15.99 -22.42
C LEU B 367 6.50 16.45 -21.86
N SER B 368 6.28 17.75 -21.70
CA SER B 368 5.01 18.34 -21.18
C SER B 368 3.83 17.96 -22.08
N ASN B 369 3.94 18.20 -23.39
CA ASN B 369 2.82 18.04 -24.36
C ASN B 369 3.22 16.98 -25.41
#